data_6RB3
#
_entry.id   6RB3
#
_cell.length_a   96.644
_cell.length_b   96.644
_cell.length_c   190.138
_cell.angle_alpha   90.000
_cell.angle_beta   90.000
_cell.angle_gamma   90.000
#
_symmetry.space_group_name_H-M   'P 43 21 2'
#
loop_
_entity.id
_entity.type
_entity.pdbx_description
1 polymer 'Putative dioxygenase (1H-3-hydroxy-4-oxoquinaldine 2,4-dioxygenase)'
2 non-polymer 2-heptylquinoline-3,4-diol
3 water water
#
_entity_poly.entity_id   1
_entity_poly.type   'polypeptide(L)'
_entity_poly.pdbx_seq_one_letter_code
;MITTKTVNGVQIAFDDQGHEPGPVFVTLSGWAHDLRAYDGMLPYLRAAQRTVRVCWRGHGPDRNLVGDFGIDEMAADTIG
LLDALEVDSFVPIAHSHGGWAALEIADRLGAQRVPAVMILDLIMTPAPREFVAALHGIQDPERWKEGRDGLVQSWLAGTT
NQAVLDHVRYDSGGHGFDMWARAGRVIDEAYRTWGSPMRRMEALAEPCAIRHVFSHPKIGEYDALHDDFAARHPWFSYRR
LGGETAFPGIELPQQVAAEAIDLLAGARI
;
_entity_poly.pdbx_strand_id   E,A,B
#
loop_
_chem_comp.id
_chem_comp.type
_chem_comp.name
_chem_comp.formula
JWW non-polymer 2-heptylquinoline-3,4-diol 'C16 H21 N O2'
#
# COMPACT_ATOMS: atom_id res chain seq x y z
N MET A 1 3.55 11.07 31.84
CA MET A 1 2.87 10.20 30.90
C MET A 1 1.84 9.21 31.52
N ILE A 2 2.26 8.47 32.55
CA ILE A 2 1.54 7.27 32.99
C ILE A 2 0.49 7.57 34.06
N THR A 3 -0.66 6.92 33.90
CA THR A 3 -1.81 7.14 34.74
C THR A 3 -2.26 5.88 35.43
N THR A 4 -3.06 6.07 36.50
CA THR A 4 -3.55 4.95 37.26
C THR A 4 -5.05 5.06 37.57
N LYS A 5 -5.71 3.90 37.73
CA LYS A 5 -7.07 3.82 38.26
C LYS A 5 -7.18 2.64 39.22
N THR A 6 -8.01 2.78 40.25
CA THR A 6 -8.37 1.62 41.06
C THR A 6 -9.46 0.80 40.36
N VAL A 7 -9.11 -0.46 40.06
CA VAL A 7 -10.02 -1.38 39.41
C VAL A 7 -9.99 -2.66 40.24
N ASN A 8 -11.15 -3.18 40.57
CA ASN A 8 -11.25 -4.44 41.32
C ASN A 8 -10.41 -4.40 42.59
N GLY A 9 -10.25 -3.22 43.15
CA GLY A 9 -9.54 -3.06 44.40
C GLY A 9 -8.05 -2.89 44.30
N VAL A 10 -7.50 -2.87 43.09
CA VAL A 10 -6.06 -2.77 42.92
C VAL A 10 -5.74 -1.66 41.92
N GLN A 11 -4.50 -1.20 41.97
CA GLN A 11 -4.08 -0.07 41.15
C GLN A 11 -3.62 -0.60 39.78
N ILE A 12 -4.36 -0.24 38.74
CA ILE A 12 -3.97 -0.59 37.37
C ILE A 12 -3.35 0.63 36.70
N ALA A 13 -2.06 0.50 36.30
CA ALA A 13 -1.40 1.57 35.57
C ALA A 13 -1.53 1.37 34.06
N PHE A 14 -1.64 2.47 33.32
CA PHE A 14 -1.92 2.39 31.89
C PHE A 14 -1.56 3.75 31.30
N ASP A 15 -1.63 3.84 29.98
CA ASP A 15 -1.68 5.16 29.37
C ASP A 15 -2.57 5.01 28.14
N ASP A 16 -3.07 6.16 27.67
CA ASP A 16 -4.18 6.21 26.75
C ASP A 16 -3.84 7.33 25.78
N GLN A 17 -3.64 6.96 24.53
CA GLN A 17 -3.11 7.87 23.52
C GLN A 17 -3.88 7.66 22.25
N GLY A 18 -4.21 8.74 21.58
CA GLY A 18 -4.78 8.54 20.26
C GLY A 18 -6.27 8.75 20.24
N HIS A 19 -6.76 9.22 19.11
CA HIS A 19 -8.18 9.44 18.93
C HIS A 19 -8.42 9.31 17.43
N GLU A 20 -8.71 8.09 16.99
CA GLU A 20 -8.98 7.72 15.62
C GLU A 20 -10.14 6.74 15.78
N PRO A 21 -11.11 6.75 14.88
CA PRO A 21 -12.26 5.86 15.03
C PRO A 21 -11.93 4.38 14.82
N GLY A 22 -12.79 3.54 15.37
CA GLY A 22 -12.65 2.11 15.23
C GLY A 22 -12.13 1.48 16.49
N PRO A 23 -11.88 0.18 16.41
CA PRO A 23 -11.40 -0.55 17.60
C PRO A 23 -10.14 0.06 18.17
N VAL A 24 -9.98 -0.16 19.46
CA VAL A 24 -8.88 0.41 20.25
C VAL A 24 -7.82 -0.69 20.41
N PHE A 25 -6.55 -0.34 20.18
CA PHE A 25 -5.45 -1.26 20.48
C PHE A 25 -5.16 -1.27 21.97
N VAL A 26 -5.04 -2.46 22.55
CA VAL A 26 -4.80 -2.63 23.99
C VAL A 26 -3.57 -3.53 24.13
N THR A 27 -2.46 -2.96 24.53
CA THR A 27 -1.25 -3.75 24.64
C THR A 27 -1.15 -4.40 26.02
N LEU A 28 -0.66 -5.63 26.03
CA LEU A 28 -0.57 -6.45 27.22
C LEU A 28 0.80 -7.12 27.20
N SER A 29 1.53 -6.96 28.27
CA SER A 29 2.89 -7.46 28.38
C SER A 29 2.91 -8.85 28.95
N GLY A 30 4.10 -9.45 28.91
CA GLY A 30 4.34 -10.67 29.61
C GLY A 30 4.41 -10.43 31.11
N TRP A 31 4.84 -11.46 31.80
CA TRP A 31 5.01 -11.37 33.25
C TRP A 31 6.29 -10.62 33.56
N ALA A 32 6.25 -9.86 34.66
CA ALA A 32 7.42 -9.17 35.21
C ALA A 32 7.93 -8.03 34.35
N HIS A 33 7.10 -7.50 33.44
CA HIS A 33 7.43 -6.23 32.82
C HIS A 33 6.13 -5.49 32.52
N ASP A 34 6.30 -4.26 32.05
CA ASP A 34 5.23 -3.29 32.04
C ASP A 34 5.04 -2.74 30.62
N LEU A 35 4.41 -1.58 30.50
CA LEU A 35 4.05 -1.13 29.16
C LEU A 35 5.24 -0.63 28.36
N ARG A 36 6.43 -0.58 28.95
CA ARG A 36 7.63 -0.21 28.18
C ARG A 36 7.98 -1.26 27.12
N ALA A 37 7.46 -2.47 27.29
CA ALA A 37 7.55 -3.48 26.27
C ALA A 37 6.92 -3.04 24.94
N TYR A 38 6.12 -1.95 24.96
CA TYR A 38 5.51 -1.44 23.73
C TYR A 38 5.89 -0.01 23.41
N ASP A 39 6.95 0.51 24.04
CA ASP A 39 7.50 1.80 23.64
C ASP A 39 7.85 1.84 22.16
N GLY A 40 8.49 0.79 21.65
CA GLY A 40 8.89 0.78 20.25
C GLY A 40 7.70 0.79 19.32
N MET A 41 6.66 0.05 19.66
CA MET A 41 5.50 -0.08 18.80
C MET A 41 4.56 1.11 18.91
N LEU A 42 4.66 1.89 19.98
CA LEU A 42 3.64 2.88 20.30
C LEU A 42 3.45 3.94 19.22
N PRO A 43 4.52 4.56 18.69
CA PRO A 43 4.31 5.55 17.61
C PRO A 43 3.47 5.03 16.47
N TYR A 44 3.56 3.75 16.14
CA TYR A 44 2.89 3.19 14.97
C TYR A 44 1.48 2.76 15.29
N LEU A 45 1.28 2.15 16.46
CA LEU A 45 -0.07 1.84 16.91
C LEU A 45 -0.90 3.11 17.06
N ARG A 46 -0.42 4.07 17.84
CA ARG A 46 -1.25 5.23 18.18
C ARG A 46 -1.56 6.12 16.96
N ALA A 47 -0.77 6.05 15.89
CA ALA A 47 -1.08 6.78 14.66
C ALA A 47 -2.24 6.17 13.91
N ALA A 48 -2.47 4.88 14.10
CA ALA A 48 -3.55 4.16 13.44
C ALA A 48 -4.84 4.09 14.25
N GLN A 49 -4.75 3.82 15.54
CA GLN A 49 -5.93 3.64 16.37
C GLN A 49 -5.64 4.17 17.76
N ARG A 50 -6.69 4.57 18.45
CA ARG A 50 -6.53 4.84 19.87
C ARG A 50 -5.91 3.61 20.50
N THR A 51 -4.86 3.83 21.31
CA THR A 51 -4.04 2.78 21.91
C THR A 51 -3.98 2.97 23.40
N VAL A 52 -4.49 1.97 24.15
CA VAL A 52 -4.41 1.96 25.59
C VAL A 52 -3.43 0.86 25.96
N ARG A 53 -2.30 1.21 26.58
CA ARG A 53 -1.33 0.26 27.07
C ARG A 53 -1.58 -0.06 28.54
N VAL A 54 -1.63 -1.33 28.86
CA VAL A 54 -2.12 -1.73 30.17
C VAL A 54 -1.06 -2.54 30.89
N CYS A 55 -0.92 -2.27 32.20
CA CYS A 55 -0.11 -3.08 33.08
C CYS A 55 -0.98 -4.01 33.89
N TRP A 56 -0.40 -5.12 34.31
CA TRP A 56 -1.06 -6.06 35.21
C TRP A 56 -0.98 -5.48 36.62
N ARG A 57 -1.89 -5.93 37.46
CA ARG A 57 -1.79 -5.56 38.87
C ARG A 57 -0.41 -5.93 39.38
N GLY A 58 0.11 -5.12 40.28
CA GLY A 58 1.44 -5.29 40.81
C GLY A 58 2.56 -4.95 39.87
N HIS A 59 2.27 -4.60 38.63
CA HIS A 59 3.31 -4.38 37.63
C HIS A 59 3.51 -2.91 37.27
N GLY A 60 2.69 -2.02 37.82
CA GLY A 60 2.86 -0.61 37.58
C GLY A 60 3.90 0.05 38.44
N PRO A 61 3.85 1.37 38.53
CA PRO A 61 4.88 2.05 39.32
C PRO A 61 4.88 1.63 40.79
N ASP A 62 3.72 1.23 41.35
CA ASP A 62 3.61 0.75 42.72
C ASP A 62 3.97 -0.73 42.75
N ARG A 63 5.11 -1.06 43.37
CA ARG A 63 5.62 -2.44 43.38
C ARG A 63 5.46 -3.09 44.75
N ASN A 64 4.57 -2.56 45.59
CA ASN A 64 4.09 -3.33 46.72
C ASN A 64 3.63 -4.70 46.22
N LEU A 65 3.88 -5.72 47.02
CA LEU A 65 3.30 -7.02 46.75
C LEU A 65 1.79 -6.92 46.88
N VAL A 66 1.08 -7.57 45.97
CA VAL A 66 -0.36 -7.68 45.99
C VAL A 66 -0.68 -9.13 46.34
N GLY A 67 -1.95 -9.41 46.54
CA GLY A 67 -2.34 -10.78 46.84
C GLY A 67 -2.21 -11.69 45.64
N ASP A 68 -2.08 -12.99 45.90
CA ASP A 68 -1.99 -13.97 44.83
C ASP A 68 -3.06 -13.70 43.76
N PHE A 69 -2.69 -13.96 42.51
CA PHE A 69 -3.62 -13.76 41.41
C PHE A 69 -3.14 -14.62 40.24
N GLY A 70 -4.02 -14.73 39.25
CA GLY A 70 -3.74 -15.46 38.04
C GLY A 70 -4.47 -14.87 36.86
N ILE A 71 -4.71 -15.68 35.82
CA ILE A 71 -5.23 -15.16 34.56
C ILE A 71 -6.57 -14.50 34.76
N ASP A 72 -7.41 -15.03 35.66
CA ASP A 72 -8.74 -14.49 35.89
C ASP A 72 -8.70 -13.01 36.29
N GLU A 73 -7.81 -12.64 37.20
CA GLU A 73 -7.67 -11.25 37.59
C GLU A 73 -7.05 -10.41 36.48
N MET A 74 -6.00 -10.94 35.83
CA MET A 74 -5.43 -10.22 34.72
C MET A 74 -6.52 -9.83 33.75
N ALA A 75 -7.44 -10.76 33.46
CA ALA A 75 -8.51 -10.49 32.50
C ALA A 75 -9.52 -9.51 33.08
N ALA A 76 -9.91 -9.71 34.33
CA ALA A 76 -10.93 -8.86 34.94
C ALA A 76 -10.41 -7.45 35.20
N ASP A 77 -9.18 -7.32 35.68
CA ASP A 77 -8.64 -5.97 35.88
C ASP A 77 -8.67 -5.20 34.56
N THR A 78 -8.20 -5.84 33.49
CA THR A 78 -8.09 -5.18 32.20
C THR A 78 -9.47 -4.82 31.64
N ILE A 79 -10.45 -5.74 31.73
CA ILE A 79 -11.80 -5.44 31.30
C ILE A 79 -12.36 -4.27 32.09
N GLY A 80 -12.09 -4.24 33.39
CA GLY A 80 -12.66 -3.19 34.22
C GLY A 80 -12.05 -1.84 33.96
N LEU A 81 -10.77 -1.80 33.60
CA LEU A 81 -10.17 -0.54 33.20
C LEU A 81 -10.80 -0.06 31.91
N LEU A 82 -10.95 -0.94 30.92
CA LEU A 82 -11.53 -0.49 29.66
C LEU A 82 -12.98 -0.05 29.84
N ASP A 83 -13.72 -0.75 30.71
CA ASP A 83 -15.08 -0.32 30.99
C ASP A 83 -15.09 1.08 31.66
N ALA A 84 -14.20 1.32 32.63
CA ALA A 84 -14.15 2.64 33.25
C ALA A 84 -13.91 3.73 32.21
N LEU A 85 -13.19 3.42 31.15
CA LEU A 85 -12.97 4.39 30.08
C LEU A 85 -14.04 4.34 29.00
N GLU A 86 -14.91 3.35 29.02
CA GLU A 86 -15.98 3.20 28.05
C GLU A 86 -15.40 2.91 26.69
N VAL A 87 -14.29 2.18 26.68
CA VAL A 87 -13.80 1.57 25.44
C VAL A 87 -14.81 0.51 25.02
N ASP A 88 -15.37 0.66 23.84
CA ASP A 88 -16.18 -0.39 23.24
C ASP A 88 -15.30 -1.50 22.66
N SER A 89 -15.22 -1.63 21.34
CA SER A 89 -14.51 -2.76 20.76
C SER A 89 -13.01 -2.47 20.77
N PHE A 90 -12.22 -3.51 21.06
CA PHE A 90 -10.79 -3.34 21.12
C PHE A 90 -10.05 -4.60 20.69
N VAL A 91 -8.79 -4.38 20.34
CA VAL A 91 -7.93 -5.49 19.92
C VAL A 91 -6.73 -5.67 20.85
N PRO A 92 -6.73 -6.70 21.70
CA PRO A 92 -5.52 -6.98 22.48
C PRO A 92 -4.32 -7.40 21.62
N ILE A 93 -3.16 -6.85 21.97
CA ILE A 93 -1.84 -7.26 21.48
C ILE A 93 -1.11 -7.72 22.73
N ALA A 94 -0.85 -9.00 22.86
CA ALA A 94 -0.32 -9.52 24.11
C ALA A 94 1.02 -10.23 23.88
N HIS A 95 1.97 -9.99 24.78
CA HIS A 95 3.30 -10.59 24.65
C HIS A 95 3.38 -11.90 25.41
N SER A 96 3.86 -12.94 24.71
CA SER A 96 4.17 -14.21 25.35
C SER A 96 2.97 -14.65 26.20
N HIS A 97 3.20 -14.95 27.46
CA HIS A 97 2.12 -15.51 28.25
C HIS A 97 1.05 -14.52 28.70
N GLY A 98 1.23 -13.23 28.42
CA GLY A 98 0.09 -12.33 28.45
C GLY A 98 -1.01 -12.78 27.55
N GLY A 99 -0.68 -13.61 26.58
CA GLY A 99 -1.68 -14.09 25.63
C GLY A 99 -2.72 -14.99 26.24
N TRP A 100 -2.37 -15.69 27.31
CA TRP A 100 -3.40 -16.48 28.02
C TRP A 100 -4.50 -15.55 28.52
N ALA A 101 -4.10 -14.40 29.10
CA ALA A 101 -5.05 -13.44 29.62
C ALA A 101 -5.83 -12.78 28.49
N ALA A 102 -5.17 -12.47 27.37
CA ALA A 102 -5.86 -11.90 26.23
C ALA A 102 -6.93 -12.83 25.67
N LEU A 103 -6.65 -14.15 25.63
CA LEU A 103 -7.67 -15.10 25.16
C LEU A 103 -8.81 -15.23 26.16
N GLU A 104 -8.51 -15.16 27.45
CA GLU A 104 -9.59 -15.17 28.45
C GLU A 104 -10.49 -13.96 28.28
N ILE A 105 -9.90 -12.80 27.98
CA ILE A 105 -10.67 -11.59 27.74
C ILE A 105 -11.55 -11.75 26.50
N ALA A 106 -10.98 -12.28 25.40
CA ALA A 106 -11.77 -12.47 24.18
C ALA A 106 -12.92 -13.45 24.43
N ASP A 107 -12.66 -14.47 25.24
CA ASP A 107 -13.70 -15.45 25.57
C ASP A 107 -14.80 -14.77 26.37
N ARG A 108 -14.43 -13.96 27.36
CA ARG A 108 -15.45 -13.36 28.23
C ARG A 108 -16.35 -12.42 27.47
N LEU A 109 -15.78 -11.67 26.51
CA LEU A 109 -16.53 -10.58 25.90
C LEU A 109 -17.13 -10.89 24.52
N GLY A 110 -16.71 -11.96 23.86
CA GLY A 110 -17.26 -12.32 22.57
C GLY A 110 -16.68 -11.43 21.48
N ALA A 111 -17.02 -11.83 20.26
CA ALA A 111 -16.24 -11.39 19.08
C ALA A 111 -16.64 -10.01 18.54
N GLN A 112 -17.72 -9.43 19.03
CA GLN A 112 -18.03 -8.06 18.63
C GLN A 112 -17.24 -7.07 19.48
N ARG A 113 -17.18 -7.27 20.80
CA ARG A 113 -16.37 -6.39 21.68
C ARG A 113 -14.88 -6.60 21.43
N VAL A 114 -14.42 -7.84 21.28
CA VAL A 114 -13.04 -8.16 20.96
C VAL A 114 -13.04 -8.89 19.63
N PRO A 115 -12.96 -8.17 18.50
CA PRO A 115 -13.00 -8.86 17.19
C PRO A 115 -11.68 -9.50 16.77
N ALA A 116 -10.55 -9.13 17.37
CA ALA A 116 -9.30 -9.79 17.05
C ALA A 116 -8.42 -9.76 18.29
N VAL A 117 -7.43 -10.67 18.29
CA VAL A 117 -6.38 -10.73 19.30
C VAL A 117 -5.08 -11.00 18.55
N MET A 118 -4.03 -10.29 18.90
CA MET A 118 -2.68 -10.60 18.43
C MET A 118 -1.82 -11.08 19.59
N ILE A 119 -1.13 -12.18 19.38
CA ILE A 119 -0.19 -12.74 20.36
C ILE A 119 1.19 -12.69 19.74
N LEU A 120 2.17 -12.40 20.59
CA LEU A 120 3.56 -12.20 20.19
C LEU A 120 4.41 -13.26 20.85
N ASP A 121 4.94 -14.18 20.06
CA ASP A 121 5.88 -15.23 20.52
C ASP A 121 5.45 -15.87 21.85
N LEU A 122 4.38 -16.65 21.79
CA LEU A 122 3.93 -17.51 22.87
C LEU A 122 4.05 -18.96 22.42
N ILE A 123 4.66 -19.80 23.26
CA ILE A 123 4.86 -21.20 22.89
C ILE A 123 3.51 -21.86 22.59
N MET A 124 3.28 -22.17 21.32
CA MET A 124 2.02 -22.78 20.89
C MET A 124 1.95 -24.30 21.07
N THR A 125 3.06 -24.96 21.32
CA THR A 125 3.07 -26.41 21.57
C THR A 125 2.78 -26.67 23.03
N PRO A 126 2.55 -27.93 23.42
CA PRO A 126 2.64 -28.29 24.85
C PRO A 126 4.00 -27.84 25.37
N ALA A 127 4.04 -27.67 26.69
CA ALA A 127 5.26 -27.08 27.28
C ALA A 127 6.43 -28.05 27.06
N PRO A 128 7.50 -27.62 26.39
CA PRO A 128 8.73 -28.44 26.36
C PRO A 128 9.18 -28.76 27.79
N ARG A 129 9.73 -29.96 27.98
CA ARG A 129 10.21 -30.34 29.32
C ARG A 129 11.26 -29.35 29.83
N GLU A 130 12.17 -28.90 28.97
CA GLU A 130 13.15 -27.90 29.39
C GLU A 130 12.47 -26.62 29.91
N PHE A 131 11.36 -26.24 29.28
CA PHE A 131 10.60 -25.06 29.70
C PHE A 131 9.88 -25.31 31.02
N VAL A 132 9.28 -26.50 31.18
CA VAL A 132 8.64 -26.82 32.45
C VAL A 132 9.64 -26.78 33.60
N ALA A 133 10.87 -27.23 33.36
CA ALA A 133 11.87 -27.18 34.42
C ALA A 133 12.16 -25.74 34.83
N ALA A 134 12.28 -24.82 33.86
CA ALA A 134 12.47 -23.40 34.19
C ALA A 134 11.27 -22.85 34.98
N LEU A 135 10.06 -23.27 34.63
CA LEU A 135 8.89 -22.79 35.33
C LEU A 135 8.88 -23.29 36.78
N HIS A 136 9.46 -24.46 37.05
CA HIS A 136 9.57 -24.91 38.43
C HIS A 136 10.76 -24.26 39.09
N GLY A 137 11.83 -24.05 38.33
CA GLY A 137 12.99 -23.39 38.87
C GLY A 137 12.68 -22.01 39.40
N ILE A 138 11.76 -21.29 38.74
CA ILE A 138 11.48 -19.91 39.17
C ILE A 138 10.57 -19.90 40.39
N GLN A 139 10.06 -21.05 40.82
CA GLN A 139 9.25 -21.12 42.03
C GLN A 139 10.06 -21.58 43.25
N ASP A 140 11.33 -21.92 43.07
CA ASP A 140 12.22 -22.33 44.16
C ASP A 140 12.91 -21.11 44.76
N PRO A 141 12.68 -20.78 46.03
CA PRO A 141 13.24 -19.54 46.59
C PRO A 141 14.75 -19.43 46.48
N GLU A 142 15.47 -20.56 46.38
CA GLU A 142 16.92 -20.54 46.46
C GLU A 142 17.60 -20.35 45.11
N ARG A 143 16.93 -20.66 44.01
CA ARG A 143 17.54 -20.50 42.69
C ARG A 143 16.58 -19.89 41.67
N TRP A 144 15.57 -19.13 42.11
CA TRP A 144 14.70 -18.46 41.14
C TRP A 144 15.49 -17.51 40.24
N LYS A 145 16.52 -16.85 40.79
CA LYS A 145 17.34 -15.95 39.98
C LYS A 145 18.03 -16.70 38.84
N GLU A 146 18.40 -17.97 39.07
CA GLU A 146 19.03 -18.76 38.01
C GLU A 146 18.02 -19.09 36.89
N GLY A 147 16.83 -19.56 37.25
CA GLY A 147 15.81 -19.80 36.24
C GLY A 147 15.49 -18.59 35.38
N ARG A 148 15.53 -17.39 35.97
CA ARG A 148 15.29 -16.18 35.19
C ARG A 148 16.42 -15.95 34.19
N ASP A 149 17.66 -15.99 34.67
CA ASP A 149 18.81 -15.85 33.78
C ASP A 149 18.80 -16.92 32.70
N GLY A 150 18.26 -18.09 33.00
CA GLY A 150 18.20 -19.13 31.99
C GLY A 150 17.17 -18.84 30.92
N LEU A 151 15.95 -18.47 31.33
CA LEU A 151 14.93 -18.05 30.38
C LEU A 151 15.38 -16.81 29.59
N VAL A 152 15.96 -15.82 30.28
CA VAL A 152 16.32 -14.58 29.60
C VAL A 152 17.26 -14.89 28.44
N GLN A 153 18.25 -15.74 28.68
CA GLN A 153 19.25 -16.05 27.66
C GLN A 153 18.59 -16.70 26.46
N SER A 154 17.69 -17.67 26.68
CA SER A 154 16.93 -18.22 25.56
C SER A 154 16.28 -17.12 24.73
N TRP A 155 15.55 -16.20 25.40
CA TRP A 155 14.77 -15.20 24.68
C TRP A 155 15.68 -14.35 23.81
N LEU A 156 16.90 -14.09 24.31
CA LEU A 156 17.79 -13.16 23.64
C LEU A 156 18.57 -13.82 22.50
N ALA A 157 18.93 -15.10 22.64
CA ALA A 157 19.86 -15.71 21.69
C ALA A 157 21.06 -14.77 21.59
N GLY A 158 21.65 -14.63 20.44
CA GLY A 158 22.86 -13.84 20.42
C GLY A 158 22.65 -12.40 20.04
N THR A 159 21.50 -11.83 20.41
CA THR A 159 21.11 -10.61 19.73
C THR A 159 22.08 -9.47 20.03
N THR A 160 22.21 -8.59 19.06
CA THR A 160 22.88 -7.31 19.17
C THR A 160 21.90 -6.14 19.16
N ASN A 161 20.59 -6.44 19.15
CA ASN A 161 19.57 -5.41 19.14
C ASN A 161 19.57 -4.66 20.46
N GLN A 162 19.89 -3.36 20.42
CA GLN A 162 20.00 -2.56 21.63
C GLN A 162 18.64 -2.42 22.32
N ALA A 163 17.58 -2.18 21.56
CA ALA A 163 16.27 -2.03 22.18
C ALA A 163 16.00 -3.21 23.08
N VAL A 164 16.24 -4.43 22.57
CA VAL A 164 15.88 -5.63 23.31
C VAL A 164 16.84 -5.83 24.49
N LEU A 165 18.13 -5.53 24.28
CA LEU A 165 19.12 -5.70 25.33
C LEU A 165 18.86 -4.76 26.49
N ASP A 166 18.59 -3.48 26.19
CA ASP A 166 18.30 -2.51 27.25
C ASP A 166 17.03 -2.87 27.99
N HIS A 167 16.02 -3.33 27.27
CA HIS A 167 14.75 -3.65 27.90
C HIS A 167 14.92 -4.70 28.97
N VAL A 168 15.67 -5.74 28.67
CA VAL A 168 15.83 -6.84 29.60
C VAL A 168 16.85 -6.53 30.68
N ARG A 169 17.84 -5.67 30.36
CA ARG A 169 18.91 -5.38 31.29
C ARG A 169 18.51 -4.27 32.24
N TYR A 170 17.82 -3.25 31.72
CA TYR A 170 17.66 -1.97 32.39
C TYR A 170 16.22 -1.55 32.66
N ASP A 171 15.25 -1.99 31.87
CA ASP A 171 13.90 -1.47 31.97
C ASP A 171 12.90 -2.42 32.63
N SER A 172 13.36 -3.56 33.15
CA SER A 172 12.53 -4.57 33.80
C SER A 172 12.93 -4.90 35.24
N GLY A 173 13.49 -3.93 35.95
CA GLY A 173 13.84 -4.12 37.34
C GLY A 173 12.64 -4.06 38.25
N GLY A 174 12.89 -4.28 39.53
CA GLY A 174 11.86 -4.03 40.52
C GLY A 174 10.93 -5.19 40.77
N HIS A 175 11.23 -6.37 40.25
CA HIS A 175 10.50 -7.57 40.60
C HIS A 175 11.47 -8.57 41.20
N GLY A 176 10.91 -9.54 41.93
CA GLY A 176 11.70 -10.58 42.58
C GLY A 176 10.90 -11.85 42.75
N PHE A 177 11.14 -12.56 43.85
CA PHE A 177 10.66 -13.93 43.92
C PHE A 177 9.13 -14.01 43.95
N ASP A 178 8.45 -13.02 44.54
CA ASP A 178 6.99 -13.10 44.60
C ASP A 178 6.40 -13.21 43.19
N MET A 179 6.79 -12.33 42.28
CA MET A 179 6.13 -12.27 40.98
C MET A 179 6.66 -13.34 40.04
N TRP A 180 7.97 -13.61 40.09
CA TRP A 180 8.52 -14.64 39.20
C TRP A 180 8.00 -16.01 39.55
N ALA A 181 7.72 -16.26 40.85
CA ALA A 181 7.14 -17.54 41.22
C ALA A 181 5.67 -17.61 40.81
N ARG A 182 4.95 -16.50 40.98
CA ARG A 182 3.57 -16.44 40.51
C ARG A 182 3.53 -16.75 39.01
N ALA A 183 4.41 -16.12 38.24
CA ALA A 183 4.47 -16.40 36.81
C ALA A 183 4.65 -17.89 36.57
N GLY A 184 5.66 -18.48 37.24
CA GLY A 184 5.88 -19.92 37.18
C GLY A 184 4.63 -20.72 37.47
N ARG A 185 3.91 -20.38 38.55
CA ARG A 185 2.79 -21.22 38.92
C ARG A 185 1.68 -21.09 37.90
N VAL A 186 1.37 -19.85 37.51
CA VAL A 186 0.24 -19.59 36.64
C VAL A 186 0.49 -20.16 35.25
N ILE A 187 1.70 -19.95 34.71
CA ILE A 187 2.02 -20.44 33.38
C ILE A 187 2.00 -21.97 33.35
N ASP A 188 2.67 -22.59 34.30
CA ASP A 188 2.66 -24.05 34.37
C ASP A 188 1.24 -24.59 34.44
N GLU A 189 0.39 -23.96 35.29
CA GLU A 189 -0.99 -24.43 35.46
C GLU A 189 -1.84 -24.20 34.20
N ALA A 190 -1.54 -23.16 33.42
CA ALA A 190 -2.23 -23.00 32.15
C ALA A 190 -1.87 -24.11 31.16
N TYR A 191 -0.59 -24.50 31.08
CA TYR A 191 -0.26 -25.60 30.17
C TYR A 191 -0.84 -26.92 30.67
N ARG A 192 -0.75 -27.18 31.98
CA ARG A 192 -1.32 -28.41 32.52
C ARG A 192 -2.84 -28.45 32.38
N THR A 193 -3.52 -27.31 32.45
CA THR A 193 -4.97 -27.28 32.34
C THR A 193 -5.45 -27.36 30.90
N TRP A 194 -4.81 -26.63 30.00
CA TRP A 194 -5.27 -26.49 28.63
C TRP A 194 -4.43 -27.30 27.64
N GLY A 195 -3.26 -27.81 28.05
CA GLY A 195 -2.35 -28.47 27.14
C GLY A 195 -1.51 -27.52 26.32
N SER A 196 -2.14 -26.57 25.65
CA SER A 196 -1.40 -25.60 24.86
C SER A 196 -2.30 -24.42 24.54
N PRO A 197 -1.70 -23.26 24.25
CA PRO A 197 -2.53 -22.13 23.81
C PRO A 197 -3.39 -22.48 22.62
N MET A 198 -2.95 -23.40 21.76
CA MET A 198 -3.72 -23.72 20.56
C MET A 198 -5.01 -24.45 20.93
N ARG A 199 -4.93 -25.36 21.92
CA ARG A 199 -6.14 -26.00 22.44
C ARG A 199 -7.05 -24.97 23.10
N ARG A 200 -6.45 -23.99 23.79
CA ARG A 200 -7.23 -22.94 24.43
C ARG A 200 -8.01 -22.16 23.42
N MET A 201 -7.38 -21.80 22.29
CA MET A 201 -8.12 -21.10 21.25
C MET A 201 -9.26 -21.95 20.71
N GLU A 202 -9.09 -23.29 20.68
CA GLU A 202 -10.12 -24.16 20.12
C GLU A 202 -11.30 -24.29 21.07
N ALA A 203 -11.05 -24.15 22.39
CA ALA A 203 -12.13 -24.11 23.38
C ALA A 203 -12.92 -22.82 23.34
N LEU A 204 -12.52 -21.83 22.52
CA LEU A 204 -13.27 -20.57 22.50
C LEU A 204 -14.67 -20.82 21.97
N ALA A 205 -15.67 -20.41 22.75
CA ALA A 205 -17.07 -20.51 22.34
C ALA A 205 -17.28 -19.97 20.93
N GLU A 206 -16.82 -18.75 20.67
CA GLU A 206 -16.78 -18.19 19.32
C GLU A 206 -15.40 -17.60 19.08
N PRO A 207 -14.50 -18.32 18.41
CA PRO A 207 -13.18 -17.73 18.13
C PRO A 207 -13.30 -16.41 17.38
N CYS A 208 -12.59 -15.40 17.87
CA CYS A 208 -12.33 -14.19 17.08
C CYS A 208 -11.15 -14.45 16.14
N ALA A 209 -10.81 -13.44 15.34
CA ALA A 209 -9.59 -13.50 14.55
C ALA A 209 -8.40 -13.49 15.51
N ILE A 210 -7.60 -14.55 15.50
CA ILE A 210 -6.40 -14.63 16.33
C ILE A 210 -5.20 -14.82 15.41
N ARG A 211 -4.21 -13.93 15.55
CA ARG A 211 -2.96 -13.98 14.80
C ARG A 211 -1.77 -14.16 15.73
N HIS A 212 -0.92 -15.15 15.43
CA HIS A 212 0.35 -15.34 16.14
C HIS A 212 1.53 -14.82 15.33
N VAL A 213 2.32 -13.95 15.94
CA VAL A 213 3.51 -13.38 15.30
C VAL A 213 4.71 -13.72 16.19
N PHE A 214 5.73 -14.34 15.60
CA PHE A 214 6.86 -14.80 16.37
C PHE A 214 8.12 -14.88 15.53
N SER A 215 9.26 -14.76 16.20
CA SER A 215 10.53 -15.11 15.58
C SER A 215 11.13 -16.41 16.10
N HIS A 216 10.69 -16.92 17.26
CA HIS A 216 11.77 -17.56 17.93
C HIS A 216 11.92 -19.02 17.58
N PRO A 217 11.03 -19.94 18.09
CA PRO A 217 11.24 -21.38 17.87
C PRO A 217 11.81 -21.44 16.45
N LYS A 218 12.92 -22.13 16.24
CA LYS A 218 13.53 -22.17 14.93
C LYS A 218 12.53 -22.59 13.87
N ILE A 219 12.83 -22.32 12.61
CA ILE A 219 11.91 -22.66 11.53
C ILE A 219 11.84 -24.17 11.39
N GLY A 220 10.65 -24.69 11.06
CA GLY A 220 10.57 -26.11 10.82
C GLY A 220 9.22 -26.73 11.14
N GLU A 221 9.18 -27.69 12.07
CA GLU A 221 7.91 -28.28 12.48
C GLU A 221 6.99 -27.25 13.13
N TYR A 222 7.57 -26.20 13.73
CA TYR A 222 6.74 -25.19 14.41
C TYR A 222 5.89 -24.45 13.42
N ASP A 223 6.43 -24.15 12.22
CA ASP A 223 5.60 -23.54 11.19
C ASP A 223 4.58 -24.54 10.63
N ALA A 224 4.97 -25.81 10.49
CA ALA A 224 4.03 -26.79 9.99
C ALA A 224 2.84 -26.92 10.91
N LEU A 225 3.07 -26.82 12.23
CA LEU A 225 1.99 -26.81 13.21
C LEU A 225 1.08 -25.64 12.95
N HIS A 226 1.64 -24.45 12.68
CA HIS A 226 0.80 -23.28 12.42
C HIS A 226 0.04 -23.40 11.11
N ASP A 227 0.70 -23.90 10.05
CA ASP A 227 0.02 -24.13 8.78
C ASP A 227 -1.21 -25.00 8.98
N ASP A 228 -1.05 -26.06 9.76
CA ASP A 228 -2.16 -26.99 9.95
C ASP A 228 -3.27 -26.36 10.78
N PHE A 229 -2.91 -25.62 11.82
CA PHE A 229 -3.91 -24.92 12.60
C PHE A 229 -4.65 -23.88 11.76
N ALA A 230 -3.91 -23.15 10.92
CA ALA A 230 -4.54 -22.17 10.05
C ALA A 230 -5.41 -22.82 8.99
N ALA A 231 -5.00 -24.00 8.50
CA ALA A 231 -5.80 -24.69 7.48
C ALA A 231 -7.10 -25.20 8.05
N ARG A 232 -7.11 -25.58 9.31
CA ARG A 232 -8.30 -26.04 10.01
C ARG A 232 -9.13 -24.92 10.61
N HIS A 233 -8.59 -23.73 10.73
CA HIS A 233 -9.23 -22.63 11.47
C HIS A 233 -9.07 -21.33 10.73
N PRO A 234 -10.07 -20.93 9.96
CA PRO A 234 -9.94 -19.68 9.18
C PRO A 234 -9.82 -18.45 10.06
N TRP A 235 -10.23 -18.53 11.32
CA TRP A 235 -10.07 -17.40 12.20
C TRP A 235 -8.63 -17.21 12.67
N PHE A 236 -7.79 -18.22 12.54
CA PHE A 236 -6.41 -18.18 13.01
C PHE A 236 -5.50 -17.73 11.90
N SER A 237 -4.45 -16.99 12.25
CA SER A 237 -3.43 -16.58 11.29
C SER A 237 -2.09 -16.50 12.03
N TYR A 238 -1.00 -16.42 11.25
CA TYR A 238 0.32 -16.36 11.85
C TYR A 238 1.31 -15.75 10.89
N ARG A 239 2.38 -15.18 11.45
CA ARG A 239 3.50 -14.74 10.66
C ARG A 239 4.80 -14.99 11.40
N ARG A 240 5.68 -15.73 10.79
CA ARG A 240 7.04 -15.81 11.30
C ARG A 240 7.80 -14.56 10.83
N LEU A 241 8.45 -13.90 11.77
CA LEU A 241 9.32 -12.79 11.44
C LEU A 241 10.78 -13.27 11.49
N GLY A 242 11.65 -12.46 10.94
CA GLY A 242 13.05 -12.82 10.86
C GLY A 242 13.95 -12.34 11.99
N GLY A 243 13.43 -12.23 13.18
CA GLY A 243 14.20 -11.64 14.26
C GLY A 243 15.07 -12.67 14.94
N GLU A 244 15.97 -12.17 15.76
CA GLU A 244 16.76 -13.08 16.59
C GLU A 244 16.12 -13.43 17.93
N THR A 245 15.15 -12.63 18.39
CA THR A 245 14.72 -12.69 19.77
C THR A 245 13.26 -13.10 19.89
N ALA A 246 12.90 -13.46 21.13
CA ALA A 246 11.53 -13.77 21.50
C ALA A 246 10.74 -12.52 21.92
N PHE A 247 11.17 -11.33 21.45
CA PHE A 247 10.51 -10.04 21.72
C PHE A 247 10.24 -9.35 20.38
N PRO A 248 9.46 -9.95 19.51
CA PRO A 248 9.26 -9.30 18.21
C PRO A 248 8.77 -7.85 18.30
N GLY A 249 7.91 -7.52 19.29
CA GLY A 249 7.41 -6.15 19.39
C GLY A 249 8.50 -5.13 19.65
N ILE A 250 9.53 -5.52 20.38
CA ILE A 250 10.63 -4.64 20.69
C ILE A 250 11.67 -4.66 19.59
N GLU A 251 11.97 -5.85 19.06
CA GLU A 251 12.99 -6.00 18.03
C GLU A 251 12.51 -5.49 16.68
N LEU A 252 11.27 -5.74 16.32
CA LEU A 252 10.71 -5.38 15.02
C LEU A 252 9.39 -4.65 15.22
N PRO A 253 9.43 -3.48 15.88
CA PRO A 253 8.18 -2.75 16.17
C PRO A 253 7.37 -2.40 14.93
N GLN A 254 8.01 -1.87 13.89
CA GLN A 254 7.27 -1.44 12.71
C GLN A 254 6.55 -2.61 12.07
N GLN A 255 7.25 -3.75 11.89
CA GLN A 255 6.62 -4.91 11.28
C GLN A 255 5.48 -5.46 12.15
N VAL A 256 5.68 -5.56 13.46
CA VAL A 256 4.62 -6.10 14.30
C VAL A 256 3.42 -5.15 14.32
N ALA A 257 3.65 -3.83 14.37
CA ALA A 257 2.54 -2.88 14.33
C ALA A 257 1.78 -3.02 13.03
N ALA A 258 2.51 -3.15 11.90
CA ALA A 258 1.87 -3.29 10.60
C ALA A 258 1.03 -4.56 10.56
N GLU A 259 1.51 -5.63 11.18
CA GLU A 259 0.71 -6.85 11.26
C GLU A 259 -0.55 -6.60 12.07
N ALA A 260 -0.43 -5.83 13.18
CA ALA A 260 -1.60 -5.57 14.02
C ALA A 260 -2.66 -4.72 13.29
N ILE A 261 -2.22 -3.68 12.58
CA ILE A 261 -3.12 -2.90 11.75
C ILE A 261 -3.79 -3.75 10.70
N ASP A 262 -3.06 -4.67 10.09
CA ASP A 262 -3.62 -5.54 9.07
C ASP A 262 -4.65 -6.50 9.66
N LEU A 263 -4.34 -7.12 10.79
CA LEU A 263 -5.31 -7.97 11.46
C LEU A 263 -6.64 -7.25 11.70
N LEU A 264 -6.55 -6.03 12.22
CA LEU A 264 -7.74 -5.25 12.51
C LEU A 264 -8.50 -4.95 11.24
N ALA A 265 -7.79 -4.54 10.19
CA ALA A 265 -8.41 -4.22 8.91
C ALA A 265 -9.25 -5.38 8.37
N GLY A 266 -8.79 -6.62 8.57
CA GLY A 266 -9.51 -7.77 8.07
C GLY A 266 -10.74 -8.21 8.82
N ALA A 267 -11.05 -7.52 9.92
CA ALA A 267 -12.10 -7.94 10.84
C ALA A 267 -13.08 -6.83 11.22
N MET B 1 19.59 -21.78 -30.81
CA MET B 1 19.04 -20.49 -30.41
C MET B 1 19.53 -20.05 -29.03
N ILE B 2 19.80 -21.00 -28.13
CA ILE B 2 20.13 -20.71 -26.75
C ILE B 2 21.63 -20.92 -26.47
N THR B 3 22.25 -19.93 -25.82
CA THR B 3 23.69 -19.87 -25.59
C THR B 3 23.96 -19.87 -24.08
N THR B 4 25.18 -20.25 -23.73
CA THR B 4 25.63 -20.28 -22.34
C THR B 4 26.96 -19.57 -22.15
N LYS B 5 27.12 -18.99 -20.97
CA LYS B 5 28.39 -18.45 -20.47
C LYS B 5 28.54 -18.85 -19.02
N THR B 6 29.76 -19.21 -18.64
CA THR B 6 30.11 -19.42 -17.25
C THR B 6 30.26 -18.06 -16.58
N VAL B 7 29.45 -17.83 -15.56
CA VAL B 7 29.53 -16.66 -14.70
C VAL B 7 29.55 -17.14 -13.25
N ASN B 8 30.54 -16.65 -12.49
CA ASN B 8 30.65 -16.94 -11.07
C ASN B 8 30.81 -18.45 -10.88
N GLY B 9 31.51 -19.09 -11.81
CA GLY B 9 31.73 -20.52 -11.72
C GLY B 9 30.52 -21.38 -12.05
N VAL B 10 29.42 -20.80 -12.52
CA VAL B 10 28.22 -21.54 -12.88
C VAL B 10 27.74 -21.14 -14.27
N GLN B 11 26.96 -22.02 -14.86
CA GLN B 11 26.54 -21.89 -16.24
C GLN B 11 25.25 -21.11 -16.35
N ILE B 12 25.32 -19.98 -17.04
CA ILE B 12 24.17 -19.08 -17.19
C ILE B 12 23.70 -19.15 -18.65
N ALA B 13 22.47 -19.65 -18.85
CA ALA B 13 21.89 -19.75 -20.17
C ALA B 13 21.16 -18.45 -20.47
N PHE B 14 21.18 -18.02 -21.74
CA PHE B 14 20.59 -16.74 -22.10
C PHE B 14 20.40 -16.68 -23.61
N ASP B 15 19.72 -15.65 -24.07
CA ASP B 15 19.88 -15.25 -25.45
C ASP B 15 19.86 -13.73 -25.53
N ASP B 16 20.24 -13.24 -26.70
CA ASP B 16 20.63 -11.85 -26.91
C ASP B 16 20.15 -11.47 -28.29
N GLN B 17 19.08 -10.67 -28.33
CA GLN B 17 18.40 -10.35 -29.59
C GLN B 17 18.08 -8.86 -29.66
N GLY B 18 18.42 -8.23 -30.78
CA GLY B 18 18.05 -6.85 -31.01
C GLY B 18 19.26 -5.94 -31.01
N HIS B 19 19.10 -4.79 -31.67
CA HIS B 19 20.14 -3.79 -31.82
C HIS B 19 19.36 -2.49 -32.08
N GLU B 20 19.09 -1.76 -31.01
CA GLU B 20 18.26 -0.56 -31.01
C GLU B 20 18.94 0.18 -29.87
N PRO B 21 19.28 1.46 -30.03
CA PRO B 21 19.97 2.18 -28.95
C PRO B 21 19.12 2.29 -27.70
N GLY B 22 19.79 2.43 -26.57
CA GLY B 22 19.12 2.78 -25.34
C GLY B 22 19.20 1.66 -24.35
N PRO B 23 18.47 1.78 -23.24
CA PRO B 23 18.45 0.70 -22.23
C PRO B 23 18.09 -0.64 -22.85
N VAL B 24 18.77 -1.70 -22.35
CA VAL B 24 18.49 -3.08 -22.73
C VAL B 24 17.35 -3.62 -21.87
N PHE B 25 16.46 -4.40 -22.49
CA PHE B 25 15.50 -5.20 -21.74
C PHE B 25 16.17 -6.49 -21.30
N VAL B 26 15.91 -6.89 -20.06
CA VAL B 26 16.47 -8.09 -19.43
C VAL B 26 15.32 -8.82 -18.79
N THR B 27 15.09 -10.06 -19.22
CA THR B 27 13.96 -10.81 -18.70
C THR B 27 14.43 -11.80 -17.64
N LEU B 28 13.64 -11.93 -16.58
CA LEU B 28 13.93 -12.81 -15.46
C LEU B 28 12.63 -13.56 -15.17
N SER B 29 12.73 -14.89 -15.12
CA SER B 29 11.58 -15.76 -14.92
C SER B 29 11.43 -16.07 -13.44
N GLY B 30 10.34 -16.73 -13.09
CA GLY B 30 10.18 -17.23 -11.75
C GLY B 30 11.10 -18.41 -11.51
N TRP B 31 10.87 -19.07 -10.38
CA TRP B 31 11.60 -20.26 -10.01
C TRP B 31 11.11 -21.44 -10.81
N ALA B 32 12.04 -22.30 -11.16
CA ALA B 32 11.78 -23.57 -11.82
C ALA B 32 11.37 -23.43 -13.27
N HIS B 33 11.49 -22.25 -13.84
CA HIS B 33 11.25 -22.15 -15.28
C HIS B 33 12.29 -21.20 -15.86
N ASP B 34 12.33 -21.14 -17.19
CA ASP B 34 13.46 -20.57 -17.92
C ASP B 34 12.91 -19.47 -18.82
N LEU B 35 13.72 -19.13 -19.83
CA LEU B 35 13.39 -17.97 -20.66
C LEU B 35 12.20 -18.17 -21.60
N ARG B 36 11.74 -19.43 -21.79
CA ARG B 36 10.53 -19.67 -22.53
C ARG B 36 9.34 -18.93 -21.93
N ALA B 37 9.43 -18.54 -20.66
CA ALA B 37 8.40 -17.68 -20.08
C ALA B 37 8.23 -16.37 -20.84
N TYR B 38 9.23 -15.96 -21.62
CA TYR B 38 9.14 -14.73 -22.41
C TYR B 38 9.07 -14.95 -23.92
N ASP B 39 8.83 -16.18 -24.37
CA ASP B 39 8.65 -16.41 -25.80
C ASP B 39 7.58 -15.50 -26.38
N GLY B 40 6.44 -15.37 -25.68
CA GLY B 40 5.38 -14.52 -26.18
C GLY B 40 5.78 -13.07 -26.30
N MET B 41 6.41 -12.50 -25.26
CA MET B 41 6.76 -11.08 -25.31
C MET B 41 7.94 -10.81 -26.20
N LEU B 42 8.77 -11.82 -26.49
CA LEU B 42 10.03 -11.59 -27.18
C LEU B 42 9.90 -10.81 -28.49
N PRO B 43 8.96 -11.11 -29.37
CA PRO B 43 8.92 -10.38 -30.65
C PRO B 43 8.70 -8.90 -30.43
N TYR B 44 7.88 -8.55 -29.44
CA TYR B 44 7.65 -7.14 -29.15
C TYR B 44 8.85 -6.51 -28.47
N LEU B 45 9.51 -7.22 -27.54
CA LEU B 45 10.64 -6.63 -26.83
C LEU B 45 11.84 -6.42 -27.75
N ARG B 46 12.15 -7.41 -28.58
CA ARG B 46 13.38 -7.32 -29.36
C ARG B 46 13.28 -6.32 -30.49
N ALA B 47 12.08 -6.02 -30.98
CA ALA B 47 11.92 -4.94 -31.95
C ALA B 47 12.23 -3.61 -31.32
N ALA B 48 11.99 -3.47 -30.03
CA ALA B 48 12.06 -2.18 -29.37
C ALA B 48 13.46 -1.90 -28.83
N GLN B 49 14.13 -2.91 -28.30
CA GLN B 49 15.42 -2.74 -27.68
C GLN B 49 16.18 -4.07 -27.76
N ARG B 50 17.51 -3.98 -27.62
CA ARG B 50 18.29 -5.17 -27.30
C ARG B 50 17.65 -5.85 -26.11
N THR B 51 17.39 -7.16 -26.22
CA THR B 51 16.70 -7.92 -25.19
C THR B 51 17.58 -9.11 -24.84
N VAL B 52 18.01 -9.19 -23.59
CA VAL B 52 18.74 -10.33 -23.07
C VAL B 52 17.78 -11.08 -22.17
N ARG B 53 17.48 -12.33 -22.52
CA ARG B 53 16.67 -13.20 -21.71
C ARG B 53 17.60 -14.10 -20.88
N VAL B 54 17.43 -14.14 -19.57
CA VAL B 54 18.39 -14.70 -18.65
C VAL B 54 17.71 -15.78 -17.82
N CYS B 55 18.37 -16.93 -17.71
CA CYS B 55 17.93 -17.99 -16.82
C CYS B 55 18.71 -17.91 -15.51
N TRP B 56 18.12 -18.36 -14.43
CA TRP B 56 18.87 -18.50 -13.20
C TRP B 56 19.88 -19.63 -13.30
N ARG B 57 20.84 -19.64 -12.38
CA ARG B 57 21.76 -20.78 -12.33
C ARG B 57 20.98 -22.04 -12.02
N GLY B 58 21.46 -23.17 -12.53
CA GLY B 58 20.75 -24.43 -12.42
C GLY B 58 19.53 -24.61 -13.24
N HIS B 59 19.09 -23.57 -13.96
CA HIS B 59 17.81 -23.56 -14.63
C HIS B 59 17.93 -23.61 -16.15
N GLY B 60 19.14 -23.63 -16.68
CA GLY B 60 19.35 -23.71 -18.12
C GLY B 60 19.33 -25.13 -18.60
N PRO B 61 19.82 -25.36 -19.81
CA PRO B 61 19.78 -26.73 -20.37
C PRO B 61 20.44 -27.79 -19.47
N ASP B 62 21.55 -27.44 -18.80
CA ASP B 62 22.22 -28.37 -17.88
C ASP B 62 21.44 -28.43 -16.57
N ARG B 63 20.86 -29.58 -16.25
CA ARG B 63 20.09 -29.67 -15.01
C ARG B 63 20.80 -30.51 -13.94
N ASN B 64 22.12 -30.59 -13.99
CA ASN B 64 22.81 -31.10 -12.83
C ASN B 64 22.58 -30.17 -11.65
N LEU B 65 22.79 -30.71 -10.45
CA LEU B 65 22.53 -29.93 -9.25
C LEU B 65 23.62 -28.87 -9.09
N VAL B 66 23.24 -27.68 -8.66
CA VAL B 66 24.24 -26.63 -8.46
C VAL B 66 24.30 -26.33 -6.98
N GLY B 67 25.38 -25.69 -6.56
CA GLY B 67 25.54 -25.34 -5.16
C GLY B 67 24.43 -24.41 -4.69
N ASP B 68 24.09 -24.55 -3.42
CA ASP B 68 22.96 -23.83 -2.86
C ASP B 68 23.13 -22.35 -3.08
N PHE B 69 22.02 -21.68 -3.33
CA PHE B 69 22.10 -20.28 -3.70
C PHE B 69 20.76 -19.62 -3.37
N GLY B 70 20.80 -18.28 -3.36
CA GLY B 70 19.59 -17.53 -3.19
C GLY B 70 19.50 -16.27 -4.05
N ILE B 71 18.82 -15.23 -3.54
CA ILE B 71 18.65 -13.99 -4.28
C ILE B 71 19.98 -13.31 -4.53
N ASP B 72 20.89 -13.33 -3.54
CA ASP B 72 22.19 -12.71 -3.78
C ASP B 72 22.91 -13.30 -5.00
N GLU B 73 22.80 -14.60 -5.19
CA GLU B 73 23.44 -15.25 -6.32
C GLU B 73 22.70 -14.97 -7.63
N MET B 74 21.37 -15.01 -7.59
CA MET B 74 20.61 -14.68 -8.79
C MET B 74 20.86 -13.26 -9.25
N ALA B 75 21.00 -12.32 -8.31
CA ALA B 75 21.37 -10.97 -8.69
C ALA B 75 22.77 -10.93 -9.28
N ALA B 76 23.74 -11.53 -8.59
CA ALA B 76 25.14 -11.39 -9.04
C ALA B 76 25.41 -12.15 -10.33
N ASP B 77 24.72 -13.27 -10.58
CA ASP B 77 24.87 -13.96 -11.85
C ASP B 77 24.41 -13.09 -13.01
N THR B 78 23.24 -12.47 -12.86
CA THR B 78 22.66 -11.68 -13.94
C THR B 78 23.52 -10.46 -14.22
N ILE B 79 24.02 -9.80 -13.16
CA ILE B 79 24.91 -8.64 -13.34
C ILE B 79 26.18 -9.06 -14.05
N GLY B 80 26.77 -10.19 -13.64
CA GLY B 80 28.00 -10.61 -14.27
C GLY B 80 27.85 -10.99 -15.72
N LEU B 81 26.71 -11.58 -16.08
CA LEU B 81 26.45 -11.91 -17.47
C LEU B 81 26.32 -10.63 -18.27
N LEU B 82 25.48 -9.70 -17.79
CA LEU B 82 25.27 -8.46 -18.52
C LEU B 82 26.57 -7.71 -18.70
N ASP B 83 27.43 -7.70 -17.67
CA ASP B 83 28.76 -7.11 -17.84
C ASP B 83 29.51 -7.84 -18.95
N ALA B 84 29.49 -9.18 -18.96
CA ALA B 84 30.21 -9.92 -20.00
C ALA B 84 29.66 -9.64 -21.41
N LEU B 85 28.42 -9.19 -21.52
CA LEU B 85 27.83 -8.82 -22.80
C LEU B 85 27.86 -7.32 -23.05
N GLU B 86 28.61 -6.57 -22.26
CA GLU B 86 28.70 -5.13 -22.34
C GLU B 86 27.30 -4.51 -22.51
N VAL B 87 26.46 -4.82 -21.54
CA VAL B 87 25.21 -4.10 -21.36
C VAL B 87 25.46 -2.98 -20.36
N ASP B 88 25.10 -1.77 -20.74
CA ASP B 88 25.17 -0.65 -19.82
C ASP B 88 23.82 -0.62 -19.10
N SER B 89 23.02 0.43 -19.30
CA SER B 89 21.78 0.57 -18.60
C SER B 89 20.78 -0.46 -19.09
N PHE B 90 19.93 -0.93 -18.18
CA PHE B 90 18.98 -1.97 -18.55
C PHE B 90 17.78 -1.86 -17.64
N VAL B 91 16.69 -2.46 -18.11
CA VAL B 91 15.40 -2.45 -17.44
C VAL B 91 14.96 -3.90 -17.21
N PRO B 92 15.17 -4.44 -16.02
CA PRO B 92 14.68 -5.79 -15.76
C PRO B 92 13.17 -5.87 -15.92
N ILE B 93 12.72 -6.97 -16.53
CA ILE B 93 11.33 -7.41 -16.51
C ILE B 93 11.29 -8.75 -15.80
N ALA B 94 10.59 -8.82 -14.68
CA ALA B 94 10.71 -10.00 -13.83
C ALA B 94 9.36 -10.55 -13.44
N HIS B 95 9.25 -11.87 -13.54
CA HIS B 95 7.99 -12.54 -13.22
C HIS B 95 7.93 -13.07 -11.79
N SER B 96 6.80 -12.81 -11.11
CA SER B 96 6.56 -13.31 -9.77
C SER B 96 7.79 -13.16 -8.90
N HIS B 97 8.25 -14.22 -8.28
CA HIS B 97 9.38 -14.11 -7.35
C HIS B 97 10.72 -13.90 -8.00
N GLY B 98 10.84 -13.99 -9.32
CA GLY B 98 11.98 -13.31 -9.93
C GLY B 98 12.02 -11.84 -9.60
N GLY B 99 10.89 -11.26 -9.25
CA GLY B 99 10.87 -9.88 -8.81
C GLY B 99 11.86 -9.58 -7.71
N TRP B 100 12.05 -10.51 -6.78
CA TRP B 100 12.94 -10.25 -5.64
C TRP B 100 14.36 -9.96 -6.12
N ALA B 101 14.83 -10.74 -7.11
CA ALA B 101 16.17 -10.58 -7.66
C ALA B 101 16.27 -9.37 -8.56
N ALA B 102 15.18 -8.98 -9.26
CA ALA B 102 15.23 -7.75 -10.05
C ALA B 102 15.40 -6.53 -9.15
N LEU B 103 14.70 -6.51 -8.01
CA LEU B 103 14.81 -5.42 -7.06
C LEU B 103 16.20 -5.38 -6.43
N GLU B 104 16.78 -6.54 -6.10
CA GLU B 104 18.11 -6.55 -5.52
C GLU B 104 19.13 -6.03 -6.51
N ILE B 105 18.94 -6.37 -7.79
CA ILE B 105 19.82 -5.91 -8.86
C ILE B 105 19.77 -4.38 -8.96
N ALA B 106 18.56 -3.83 -9.06
CA ALA B 106 18.43 -2.38 -9.09
C ALA B 106 19.08 -1.74 -7.87
N ASP B 107 18.85 -2.29 -6.69
CA ASP B 107 19.43 -1.73 -5.47
C ASP B 107 20.95 -1.74 -5.53
N ARG B 108 21.56 -2.82 -6.01
CA ARG B 108 23.01 -2.90 -6.05
C ARG B 108 23.60 -1.88 -7.01
N LEU B 109 22.97 -1.70 -8.15
CA LEU B 109 23.57 -0.96 -9.24
C LEU B 109 23.12 0.50 -9.34
N GLY B 110 21.96 0.84 -8.80
CA GLY B 110 21.49 2.20 -8.78
C GLY B 110 20.63 2.56 -9.98
N ALA B 111 20.00 3.73 -9.85
CA ALA B 111 18.96 4.17 -10.75
C ALA B 111 19.46 4.71 -12.08
N GLN B 112 20.73 5.02 -12.21
CA GLN B 112 21.27 5.35 -13.54
C GLN B 112 21.44 4.09 -14.38
N ARG B 113 22.12 3.08 -13.82
CA ARG B 113 22.33 1.82 -14.55
C ARG B 113 21.02 1.04 -14.67
N VAL B 114 20.16 1.11 -13.65
CA VAL B 114 18.85 0.46 -13.66
C VAL B 114 17.80 1.53 -13.39
N PRO B 115 17.37 2.26 -14.42
CA PRO B 115 16.39 3.34 -14.22
C PRO B 115 14.95 2.87 -14.05
N ALA B 116 14.64 1.63 -14.38
CA ALA B 116 13.30 1.14 -14.15
C ALA B 116 13.34 -0.37 -13.98
N VAL B 117 12.36 -0.85 -13.25
CA VAL B 117 12.09 -2.27 -13.10
C VAL B 117 10.61 -2.53 -13.35
N MET B 118 10.31 -3.49 -14.22
CA MET B 118 8.96 -3.98 -14.37
C MET B 118 8.79 -5.32 -13.66
N ILE B 119 7.74 -5.44 -12.84
CA ILE B 119 7.44 -6.67 -12.13
C ILE B 119 6.12 -7.19 -12.64
N LEU B 120 6.07 -8.49 -12.93
CA LEU B 120 4.88 -9.12 -13.48
C LEU B 120 4.36 -10.05 -12.42
N ASP B 121 3.16 -9.71 -11.91
CA ASP B 121 2.40 -10.42 -10.89
C ASP B 121 3.25 -11.13 -9.86
N LEU B 122 3.68 -10.34 -8.87
CA LEU B 122 4.30 -10.79 -7.64
C LEU B 122 3.40 -10.32 -6.50
N ILE B 123 2.90 -11.26 -5.71
CA ILE B 123 2.00 -10.95 -4.62
C ILE B 123 2.59 -9.84 -3.76
N MET B 124 1.89 -8.69 -3.69
CA MET B 124 2.47 -7.52 -3.04
C MET B 124 2.14 -7.45 -1.57
N THR B 125 1.20 -8.29 -1.08
CA THR B 125 0.91 -8.36 0.33
C THR B 125 1.84 -9.30 1.06
N PRO B 126 1.72 -9.43 2.39
CA PRO B 126 2.28 -10.60 3.07
C PRO B 126 1.73 -11.89 2.48
N ALA B 127 2.57 -12.90 2.43
CA ALA B 127 2.22 -14.16 1.84
C ALA B 127 0.91 -14.70 2.41
N PRO B 128 -0.08 -14.96 1.57
CA PRO B 128 -1.31 -15.61 2.04
C PRO B 128 -1.03 -17.00 2.59
N ARG B 129 -1.55 -17.28 3.80
CA ARG B 129 -1.13 -18.48 4.52
C ARG B 129 -1.39 -19.76 3.74
N GLU B 130 -2.11 -19.69 2.61
CA GLU B 130 -2.26 -20.84 1.74
C GLU B 130 -1.01 -21.03 0.87
N PHE B 131 -0.48 -19.94 0.33
CA PHE B 131 0.81 -19.97 -0.34
C PHE B 131 1.92 -20.39 0.62
N VAL B 132 1.88 -19.90 1.87
CA VAL B 132 2.92 -20.20 2.83
C VAL B 132 2.97 -21.68 3.12
N ALA B 133 1.81 -22.33 3.25
CA ALA B 133 1.80 -23.77 3.48
C ALA B 133 2.47 -24.49 2.32
N ALA B 134 2.19 -24.08 1.09
CA ALA B 134 2.85 -24.67 -0.07
C ALA B 134 4.36 -24.44 -0.03
N LEU B 135 4.78 -23.22 0.35
CA LEU B 135 6.20 -22.98 0.44
C LEU B 135 6.89 -23.93 1.42
N HIS B 136 6.18 -24.31 2.49
CA HIS B 136 6.73 -25.22 3.50
C HIS B 136 6.63 -26.66 3.05
N GLY B 137 5.52 -27.00 2.41
CA GLY B 137 5.38 -28.34 1.86
C GLY B 137 6.41 -28.70 0.80
N ILE B 138 6.73 -27.77 -0.11
CA ILE B 138 7.67 -28.13 -1.17
C ILE B 138 9.06 -28.42 -0.60
N GLN B 139 9.28 -28.12 0.69
CA GLN B 139 10.56 -28.39 1.36
C GLN B 139 10.55 -29.71 2.12
N ASP B 140 9.39 -30.34 2.24
CA ASP B 140 9.24 -31.61 2.97
C ASP B 140 9.48 -32.77 2.01
N PRO B 141 10.52 -33.58 2.24
CA PRO B 141 10.80 -34.66 1.29
C PRO B 141 9.66 -35.64 1.04
N GLU B 142 8.58 -35.64 1.86
CA GLU B 142 7.51 -36.59 1.58
C GLU B 142 6.27 -36.03 0.91
N ARG B 143 6.13 -34.70 0.84
CA ARG B 143 5.06 -34.19 0.00
C ARG B 143 5.48 -33.00 -0.82
N TRP B 144 6.75 -32.96 -1.22
CA TRP B 144 7.18 -31.95 -2.18
C TRP B 144 6.35 -32.08 -3.45
N LYS B 145 6.03 -33.32 -3.90
CA LYS B 145 5.35 -33.35 -5.19
C LYS B 145 3.89 -32.90 -5.07
N GLU B 146 3.27 -33.13 -3.91
CA GLU B 146 1.95 -32.55 -3.65
C GLU B 146 2.02 -31.03 -3.63
N GLY B 147 3.01 -30.50 -2.92
CA GLY B 147 3.19 -29.05 -2.87
C GLY B 147 3.04 -28.40 -4.23
N ARG B 148 3.59 -29.03 -5.25
CA ARG B 148 3.68 -28.37 -6.55
C ARG B 148 2.36 -28.30 -7.28
N ASP B 149 1.69 -29.46 -7.45
CA ASP B 149 0.34 -29.49 -8.03
C ASP B 149 -0.58 -28.50 -7.38
N GLY B 150 -0.48 -28.36 -6.04
CA GLY B 150 -1.28 -27.35 -5.38
C GLY B 150 -1.05 -25.99 -6.00
N LEU B 151 0.21 -25.59 -6.09
CA LEU B 151 0.59 -24.24 -6.51
C LEU B 151 -0.04 -23.96 -7.85
N VAL B 152 0.41 -24.72 -8.84
CA VAL B 152 -0.18 -24.73 -10.17
C VAL B 152 -1.62 -24.21 -10.18
N GLN B 153 -2.56 -25.08 -9.78
CA GLN B 153 -3.98 -24.81 -9.93
C GLN B 153 -4.35 -23.36 -9.62
N SER B 154 -3.78 -22.79 -8.56
CA SER B 154 -4.08 -21.41 -8.21
C SER B 154 -3.50 -20.45 -9.23
N TRP B 155 -2.53 -20.91 -10.01
CA TRP B 155 -1.98 -20.15 -11.13
C TRP B 155 -2.85 -20.29 -12.37
N LEU B 156 -3.20 -21.57 -12.67
CA LEU B 156 -4.12 -21.90 -13.76
C LEU B 156 -5.49 -21.25 -13.54
N ALA B 157 -6.17 -21.53 -12.39
CA ALA B 157 -7.50 -20.99 -12.10
C ALA B 157 -8.51 -21.82 -12.88
N GLY B 158 -9.28 -21.18 -13.73
CA GLY B 158 -10.02 -21.88 -14.74
C GLY B 158 -9.56 -21.29 -16.02
N THR B 159 -8.28 -20.95 -16.07
CA THR B 159 -7.80 -20.35 -17.29
C THR B 159 -7.98 -21.34 -18.43
N THR B 160 -8.39 -20.84 -19.58
CA THR B 160 -8.48 -21.57 -20.83
C THR B 160 -7.52 -20.98 -21.86
N ASN B 161 -6.71 -20.00 -21.43
CA ASN B 161 -5.66 -19.46 -22.28
C ASN B 161 -4.65 -20.53 -22.68
N GLN B 162 -4.59 -20.92 -23.97
CA GLN B 162 -3.71 -22.00 -24.37
C GLN B 162 -2.26 -21.71 -23.95
N ALA B 163 -1.81 -20.47 -24.18
CA ALA B 163 -0.42 -20.13 -23.91
C ALA B 163 -0.09 -20.35 -22.44
N VAL B 164 -0.95 -19.88 -21.54
CA VAL B 164 -0.67 -20.08 -20.13
C VAL B 164 -0.83 -21.55 -19.78
N LEU B 165 -1.89 -22.21 -20.25
CA LEU B 165 -2.04 -23.64 -19.98
C LEU B 165 -0.78 -24.40 -20.40
N ASP B 166 -0.30 -24.15 -21.61
CA ASP B 166 0.87 -24.87 -22.10
C ASP B 166 2.12 -24.52 -21.31
N HIS B 167 2.30 -23.25 -20.96
CA HIS B 167 3.50 -22.89 -20.22
C HIS B 167 3.55 -23.59 -18.87
N VAL B 168 2.45 -23.54 -18.10
CA VAL B 168 2.45 -24.16 -16.78
C VAL B 168 2.55 -25.68 -16.86
N ARG B 169 1.88 -26.30 -17.82
CA ARG B 169 1.82 -27.76 -17.82
C ARG B 169 3.10 -28.37 -18.35
N TYR B 170 3.74 -27.73 -19.33
CA TYR B 170 4.72 -28.37 -20.18
C TYR B 170 6.08 -27.67 -20.21
N ASP B 171 6.17 -26.41 -19.82
CA ASP B 171 7.40 -25.67 -20.04
C ASP B 171 8.11 -25.47 -18.72
N SER B 172 7.97 -26.44 -17.79
CA SER B 172 8.45 -26.21 -16.42
C SER B 172 8.88 -27.50 -15.72
N GLY B 173 9.35 -28.51 -16.48
CA GLY B 173 9.84 -29.74 -15.91
C GLY B 173 11.35 -29.76 -15.80
N GLY B 174 11.85 -30.96 -15.50
CA GLY B 174 13.26 -31.16 -15.43
C GLY B 174 13.94 -30.71 -14.15
N HIS B 175 13.19 -30.29 -13.15
CA HIS B 175 13.74 -30.06 -11.82
C HIS B 175 13.20 -31.07 -10.85
N GLY B 176 13.96 -31.35 -9.79
CA GLY B 176 13.48 -32.22 -8.74
C GLY B 176 13.39 -31.57 -7.36
N PHE B 177 13.63 -32.36 -6.33
CA PHE B 177 13.47 -31.88 -4.97
C PHE B 177 14.46 -30.79 -4.63
N ASP B 178 15.70 -30.94 -5.08
CA ASP B 178 16.72 -29.94 -4.80
C ASP B 178 16.20 -28.54 -5.13
N MET B 179 15.70 -28.34 -6.37
CA MET B 179 15.36 -26.99 -6.81
C MET B 179 14.00 -26.58 -6.31
N TRP B 180 13.03 -27.49 -6.26
CA TRP B 180 11.70 -27.08 -5.80
C TRP B 180 11.79 -26.68 -4.34
N ALA B 181 12.52 -27.46 -3.52
CA ALA B 181 12.72 -27.09 -2.13
C ALA B 181 13.47 -25.78 -2.00
N ARG B 182 14.49 -25.53 -2.84
CA ARG B 182 15.25 -24.28 -2.71
C ARG B 182 14.35 -23.08 -2.99
N ALA B 183 13.53 -23.20 -4.03
CA ALA B 183 12.55 -22.14 -4.32
C ALA B 183 11.67 -21.89 -3.10
N GLY B 184 11.13 -22.97 -2.52
CA GLY B 184 10.33 -22.82 -1.31
C GLY B 184 11.07 -22.07 -0.25
N ARG B 185 12.28 -22.51 0.06
CA ARG B 185 13.10 -21.88 1.08
C ARG B 185 13.30 -20.39 0.80
N VAL B 186 13.72 -20.06 -0.42
CA VAL B 186 14.22 -18.71 -0.72
C VAL B 186 13.07 -17.71 -0.71
N ILE B 187 11.91 -18.11 -1.23
CA ILE B 187 10.75 -17.23 -1.24
C ILE B 187 10.22 -17.05 0.17
N ASP B 188 10.12 -18.14 0.93
CA ASP B 188 9.65 -18.02 2.30
C ASP B 188 10.53 -17.09 3.08
N GLU B 189 11.86 -17.16 2.84
CA GLU B 189 12.82 -16.29 3.50
C GLU B 189 12.61 -14.84 3.09
N ALA B 190 12.42 -14.59 1.78
CA ALA B 190 12.22 -13.21 1.34
C ALA B 190 11.03 -12.56 2.01
N TYR B 191 9.90 -13.28 2.11
CA TYR B 191 8.73 -12.68 2.79
C TYR B 191 8.97 -12.55 4.29
N ARG B 192 9.64 -13.50 4.92
CA ARG B 192 9.87 -13.40 6.35
C ARG B 192 10.74 -12.20 6.67
N THR B 193 11.89 -12.11 5.98
CA THR B 193 12.81 -10.99 6.14
C THR B 193 12.13 -9.65 5.92
N TRP B 194 11.64 -9.42 4.70
CA TRP B 194 11.09 -8.13 4.28
C TRP B 194 9.63 -7.92 4.62
N GLY B 195 8.91 -8.95 4.95
CA GLY B 195 7.48 -8.79 5.17
C GLY B 195 6.64 -8.78 3.90
N SER B 196 7.00 -7.92 2.94
CA SER B 196 6.31 -7.89 1.66
C SER B 196 7.23 -7.26 0.66
N PRO B 197 6.99 -7.47 -0.64
CA PRO B 197 7.80 -6.78 -1.64
C PRO B 197 7.60 -5.28 -1.61
N MET B 198 6.45 -4.80 -1.12
CA MET B 198 6.28 -3.35 -0.99
C MET B 198 7.26 -2.78 0.04
N ARG B 199 7.39 -3.42 1.20
CA ARG B 199 8.40 -3.00 2.15
C ARG B 199 9.80 -3.16 1.57
N ARG B 200 10.03 -4.20 0.75
CA ARG B 200 11.34 -4.36 0.12
C ARG B 200 11.67 -3.14 -0.71
N MET B 201 10.72 -2.72 -1.56
CA MET B 201 10.93 -1.56 -2.43
C MET B 201 11.23 -0.30 -1.61
N GLU B 202 10.56 -0.17 -0.45
CA GLU B 202 10.74 0.98 0.42
C GLU B 202 12.13 1.05 1.00
N ALA B 203 12.84 -0.08 1.04
CA ALA B 203 14.21 -0.11 1.53
C ALA B 203 15.23 0.24 0.46
N LEU B 204 14.82 0.46 -0.77
CA LEU B 204 15.77 0.76 -1.83
C LEU B 204 16.45 2.09 -1.52
N ALA B 205 17.78 2.11 -1.64
CA ALA B 205 18.55 3.33 -1.39
C ALA B 205 18.01 4.50 -2.21
N GLU B 206 18.00 4.34 -3.53
CA GLU B 206 17.45 5.36 -4.44
C GLU B 206 16.51 4.63 -5.39
N PRO B 207 15.19 4.64 -5.11
CA PRO B 207 14.27 3.82 -5.93
C PRO B 207 14.31 4.31 -7.37
N CYS B 208 14.29 3.35 -8.28
CA CYS B 208 14.09 3.64 -9.68
C CYS B 208 12.59 3.66 -9.93
N ALA B 209 12.19 3.81 -11.19
CA ALA B 209 10.77 3.68 -11.52
C ALA B 209 10.40 2.20 -11.47
N ILE B 210 9.38 1.85 -10.67
CA ILE B 210 8.95 0.47 -10.55
C ILE B 210 7.47 0.35 -10.88
N ARG B 211 7.15 -0.60 -11.76
CA ARG B 211 5.79 -0.78 -12.23
C ARG B 211 5.39 -2.23 -12.12
N HIS B 212 4.22 -2.47 -11.52
CA HIS B 212 3.65 -3.78 -11.28
C HIS B 212 2.45 -4.02 -12.18
N VAL B 213 2.51 -5.06 -13.00
CA VAL B 213 1.50 -5.38 -14.00
C VAL B 213 0.93 -6.73 -13.63
N PHE B 214 -0.38 -6.81 -13.45
CA PHE B 214 -0.99 -8.06 -13.02
C PHE B 214 -2.45 -8.16 -13.43
N SER B 215 -2.97 -9.40 -13.35
CA SER B 215 -4.40 -9.60 -13.47
C SER B 215 -5.04 -10.30 -12.28
N HIS B 216 -4.24 -10.87 -11.35
CA HIS B 216 -4.76 -12.09 -10.74
C HIS B 216 -5.56 -11.85 -9.48
N PRO B 217 -4.93 -11.33 -8.41
CA PRO B 217 -5.69 -11.15 -7.17
C PRO B 217 -6.96 -10.41 -7.57
N LYS B 218 -8.09 -10.86 -7.03
CA LYS B 218 -9.38 -10.28 -7.41
C LYS B 218 -9.41 -8.77 -7.21
N ILE B 219 -10.25 -8.09 -8.00
CA ILE B 219 -10.43 -6.65 -7.84
C ILE B 219 -11.02 -6.39 -6.46
N GLY B 220 -10.55 -5.34 -5.81
CA GLY B 220 -10.99 -5.00 -4.48
C GLY B 220 -9.90 -4.38 -3.63
N GLU B 221 -9.61 -5.00 -2.48
CA GLU B 221 -8.62 -4.44 -1.57
C GLU B 221 -7.21 -4.44 -2.16
N TYR B 222 -6.94 -5.27 -3.17
CA TYR B 222 -5.58 -5.37 -3.71
C TYR B 222 -5.20 -4.12 -4.51
N ASP B 223 -6.17 -3.52 -5.20
CA ASP B 223 -5.94 -2.26 -5.92
C ASP B 223 -5.78 -1.12 -4.94
N ALA B 224 -6.52 -1.17 -3.83
CA ALA B 224 -6.42 -0.16 -2.79
C ALA B 224 -5.01 -0.10 -2.23
N LEU B 225 -4.43 -1.27 -1.95
CA LEU B 225 -3.03 -1.36 -1.56
C LEU B 225 -2.15 -0.62 -2.54
N HIS B 226 -2.41 -0.82 -3.84
CA HIS B 226 -1.56 -0.22 -4.85
C HIS B 226 -1.83 1.28 -4.98
N ASP B 227 -3.09 1.70 -4.92
CA ASP B 227 -3.37 3.14 -4.96
C ASP B 227 -2.63 3.79 -3.80
N ASP B 228 -2.82 3.26 -2.61
CA ASP B 228 -2.09 3.67 -1.43
C ASP B 228 -0.60 3.80 -1.71
N PHE B 229 0.06 2.71 -2.07
CA PHE B 229 1.50 2.73 -2.22
C PHE B 229 1.92 3.76 -3.26
N ALA B 230 1.09 3.98 -4.27
CA ALA B 230 1.42 4.93 -5.33
C ALA B 230 1.19 6.37 -4.90
N ALA B 231 0.18 6.63 -4.05
CA ALA B 231 0.03 7.95 -3.49
C ALA B 231 1.25 8.33 -2.65
N ARG B 232 1.82 7.39 -1.90
CA ARG B 232 3.02 7.68 -1.13
C ARG B 232 4.31 7.69 -1.94
N HIS B 233 4.29 7.19 -3.17
CA HIS B 233 5.54 6.86 -3.86
C HIS B 233 5.44 7.15 -5.34
N PRO B 234 5.75 8.38 -5.77
CA PRO B 234 5.57 8.72 -7.17
C PRO B 234 6.41 7.87 -8.09
N TRP B 235 7.43 7.17 -7.58
CA TRP B 235 8.21 6.31 -8.43
C TRP B 235 7.47 5.01 -8.76
N PHE B 236 6.31 4.79 -8.14
CA PHE B 236 5.58 3.53 -8.30
C PHE B 236 4.31 3.72 -9.11
N SER B 237 4.15 2.86 -10.12
CA SER B 237 2.95 2.79 -10.93
C SER B 237 2.50 1.34 -11.01
N TYR B 238 1.23 1.12 -11.37
CA TYR B 238 0.66 -0.21 -11.52
C TYR B 238 -0.48 -0.18 -12.53
N ARG B 239 -0.70 -1.32 -13.19
CA ARG B 239 -1.81 -1.47 -14.14
C ARG B 239 -2.39 -2.87 -13.95
N ARG B 240 -3.62 -2.96 -13.43
CA ARG B 240 -4.41 -4.19 -13.53
C ARG B 240 -4.90 -4.39 -14.98
N LEU B 241 -4.56 -5.54 -15.56
CA LEU B 241 -5.07 -5.92 -16.87
C LEU B 241 -6.30 -6.83 -16.73
N GLY B 242 -6.88 -7.22 -17.86
CA GLY B 242 -8.09 -8.02 -17.80
C GLY B 242 -7.96 -9.51 -18.03
N GLY B 243 -6.82 -10.08 -17.76
CA GLY B 243 -6.65 -11.51 -17.93
C GLY B 243 -7.26 -12.31 -16.80
N GLU B 244 -7.20 -13.65 -16.98
CA GLU B 244 -7.61 -14.59 -15.94
C GLU B 244 -6.47 -15.11 -15.07
N THR B 245 -5.22 -14.90 -15.47
CA THR B 245 -4.15 -15.72 -14.93
C THR B 245 -3.13 -14.87 -14.21
N ALA B 246 -2.22 -15.58 -13.52
CA ALA B 246 -1.06 -15.03 -12.86
C ALA B 246 0.14 -14.89 -13.80
N PHE B 247 -0.06 -15.01 -15.11
CA PHE B 247 1.04 -14.95 -16.08
C PHE B 247 0.75 -13.88 -17.12
N PRO B 248 0.76 -12.62 -16.70
CA PRO B 248 0.42 -11.56 -17.67
C PRO B 248 1.30 -11.59 -18.90
N GLY B 249 2.60 -11.79 -18.77
CA GLY B 249 3.44 -11.70 -19.95
C GLY B 249 3.27 -12.85 -20.95
N ILE B 250 2.53 -13.89 -20.58
CA ILE B 250 2.21 -15.01 -21.46
C ILE B 250 0.79 -14.90 -21.97
N GLU B 251 -0.13 -14.52 -21.09
CA GLU B 251 -1.53 -14.33 -21.48
C GLU B 251 -1.68 -13.10 -22.38
N LEU B 252 -1.12 -11.95 -21.97
CA LEU B 252 -1.28 -10.68 -22.67
C LEU B 252 0.09 -10.13 -23.05
N PRO B 253 0.84 -10.86 -23.88
CA PRO B 253 2.22 -10.41 -24.17
C PRO B 253 2.26 -9.00 -24.76
N GLN B 254 1.41 -8.72 -25.74
CA GLN B 254 1.43 -7.41 -26.39
C GLN B 254 1.22 -6.30 -25.37
N GLN B 255 0.19 -6.41 -24.53
CA GLN B 255 -0.09 -5.35 -23.57
C GLN B 255 1.04 -5.18 -22.56
N VAL B 256 1.62 -6.30 -22.09
CA VAL B 256 2.71 -6.22 -21.11
C VAL B 256 3.93 -5.59 -21.75
N ALA B 257 4.28 -6.03 -22.95
CA ALA B 257 5.40 -5.40 -23.64
C ALA B 257 5.19 -3.89 -23.78
N ALA B 258 3.97 -3.46 -24.15
CA ALA B 258 3.71 -2.03 -24.33
C ALA B 258 3.91 -1.24 -23.03
N GLU B 259 3.47 -1.81 -21.90
CA GLU B 259 3.74 -1.14 -20.63
C GLU B 259 5.22 -1.06 -20.35
N ALA B 260 5.96 -2.14 -20.65
CA ALA B 260 7.41 -2.10 -20.54
C ALA B 260 7.98 -0.99 -21.42
N ILE B 261 7.53 -0.92 -22.69
CA ILE B 261 8.05 0.11 -23.61
C ILE B 261 7.77 1.51 -23.08
N ASP B 262 6.56 1.74 -22.59
CA ASP B 262 6.24 3.01 -21.96
C ASP B 262 7.08 3.24 -20.71
N LEU B 263 7.25 2.22 -19.87
CA LEU B 263 8.07 2.39 -18.67
C LEU B 263 9.46 2.87 -19.04
N LEU B 264 10.13 2.15 -19.94
CA LEU B 264 11.45 2.58 -20.41
C LEU B 264 11.46 4.00 -20.97
N ALA B 265 10.43 4.38 -21.74
CA ALA B 265 10.43 5.72 -22.32
C ALA B 265 10.34 6.78 -21.23
N GLY B 266 9.42 6.59 -20.27
CA GLY B 266 9.32 7.48 -19.14
C GLY B 266 10.60 7.68 -18.34
N ALA B 267 11.59 6.82 -18.50
CA ALA B 267 12.80 6.92 -17.70
C ALA B 267 14.09 7.01 -18.52
N MET C 1 -29.24 35.30 -22.21
CA MET C 1 -28.21 35.25 -21.19
C MET C 1 -26.76 35.26 -21.70
N ILE C 2 -26.37 34.29 -22.52
CA ILE C 2 -24.96 34.06 -22.77
C ILE C 2 -24.40 34.98 -23.85
N THR C 3 -23.17 35.43 -23.61
CA THR C 3 -22.51 36.40 -24.47
C THR C 3 -21.18 35.81 -24.94
N THR C 4 -20.62 36.39 -26.01
CA THR C 4 -19.32 35.95 -26.50
C THR C 4 -18.44 37.14 -26.82
N LYS C 5 -17.14 36.88 -26.87
CA LYS C 5 -16.16 37.77 -27.47
C LYS C 5 -15.19 36.93 -28.28
N THR C 6 -14.61 37.55 -29.30
CA THR C 6 -13.38 37.06 -29.91
C THR C 6 -12.17 37.41 -29.05
N VAL C 7 -11.47 36.39 -28.59
CA VAL C 7 -10.21 36.54 -27.87
C VAL C 7 -9.18 35.65 -28.55
N ASN C 8 -8.00 36.18 -28.80
CA ASN C 8 -7.00 35.47 -29.60
C ASN C 8 -7.57 34.84 -30.85
N GLY C 9 -8.49 35.57 -31.49
CA GLY C 9 -9.00 35.17 -32.79
C GLY C 9 -9.99 34.02 -32.74
N VAL C 10 -10.40 33.61 -31.54
CA VAL C 10 -11.37 32.55 -31.37
C VAL C 10 -12.50 33.11 -30.51
N GLN C 11 -13.62 32.38 -30.52
CA GLN C 11 -14.83 32.83 -29.86
C GLN C 11 -14.90 32.25 -28.45
N ILE C 12 -14.87 33.14 -27.47
CA ILE C 12 -15.02 32.76 -26.07
C ILE C 12 -16.42 33.16 -25.64
N ALA C 13 -17.21 32.16 -25.21
CA ALA C 13 -18.52 32.38 -24.61
C ALA C 13 -18.41 32.43 -23.10
N PHE C 14 -19.22 33.28 -22.46
CA PHE C 14 -19.15 33.56 -21.03
C PHE C 14 -20.45 34.20 -20.57
N ASP C 15 -20.62 34.32 -19.26
CA ASP C 15 -21.52 35.33 -18.74
C ASP C 15 -20.89 35.99 -17.52
N ASP C 16 -21.44 37.15 -17.17
CA ASP C 16 -20.85 38.15 -16.29
C ASP C 16 -21.98 38.61 -15.39
N GLN C 17 -21.96 38.20 -14.13
CA GLN C 17 -23.05 38.45 -13.18
C GLN C 17 -22.48 38.95 -11.86
N GLY C 18 -23.06 40.03 -11.35
CA GLY C 18 -22.82 40.50 -10.00
C GLY C 18 -22.00 41.78 -10.00
N HIS C 19 -22.23 42.61 -8.98
CA HIS C 19 -21.53 43.88 -8.78
C HIS C 19 -21.36 44.01 -7.26
N GLU C 20 -20.30 43.43 -6.73
CA GLU C 20 -19.85 43.58 -5.36
C GLU C 20 -18.36 43.91 -5.47
N PRO C 21 -17.85 44.80 -4.63
CA PRO C 21 -16.40 45.08 -4.66
C PRO C 21 -15.63 43.83 -4.25
N GLY C 22 -14.37 43.77 -4.70
CA GLY C 22 -13.47 42.69 -4.33
C GLY C 22 -13.05 41.85 -5.51
N PRO C 23 -12.24 40.82 -5.27
CA PRO C 23 -11.82 39.94 -6.36
C PRO C 23 -13.04 39.36 -7.07
N VAL C 24 -12.89 39.11 -8.35
CA VAL C 24 -13.92 38.48 -9.16
C VAL C 24 -13.75 36.97 -9.08
N PHE C 25 -14.86 36.26 -8.92
CA PHE C 25 -14.87 34.82 -9.12
C PHE C 25 -14.88 34.52 -10.61
N VAL C 26 -13.98 33.66 -11.06
CA VAL C 26 -13.93 33.23 -12.46
C VAL C 26 -14.05 31.72 -12.52
N THR C 27 -15.11 31.21 -13.15
CA THR C 27 -15.33 29.78 -13.15
C THR C 27 -14.76 29.17 -14.42
N LEU C 28 -14.04 28.06 -14.26
CA LEU C 28 -13.43 27.28 -15.34
C LEU C 28 -13.90 25.84 -15.23
N SER C 29 -14.46 25.32 -16.30
CA SER C 29 -14.92 23.94 -16.30
C SER C 29 -13.82 23.00 -16.80
N GLY C 30 -14.15 21.73 -16.81
CA GLY C 30 -13.25 20.75 -17.37
C GLY C 30 -13.43 20.65 -18.87
N TRP C 31 -12.93 19.57 -19.45
CA TRP C 31 -13.03 19.36 -20.88
C TRP C 31 -14.42 18.86 -21.25
N ALA C 32 -14.93 19.35 -22.39
CA ALA C 32 -16.14 18.80 -23.01
C ALA C 32 -17.38 19.16 -22.20
N HIS C 33 -17.36 20.28 -21.48
CA HIS C 33 -18.60 20.80 -20.88
C HIS C 33 -18.33 22.27 -20.64
N ASP C 34 -19.37 23.01 -20.28
CA ASP C 34 -19.32 24.47 -20.33
C ASP C 34 -19.74 25.06 -18.97
N LEU C 35 -20.18 26.32 -19.03
CA LEU C 35 -20.42 27.12 -17.84
C LEU C 35 -21.61 26.60 -17.06
N ARG C 36 -22.48 25.81 -17.71
CA ARG C 36 -23.55 25.12 -16.99
C ARG C 36 -23.02 24.23 -15.87
N ALA C 37 -21.72 23.88 -15.89
CA ALA C 37 -21.14 23.14 -14.78
C ALA C 37 -21.24 23.93 -13.48
N TYR C 38 -21.48 25.24 -13.58
CA TYR C 38 -21.55 26.15 -12.42
C TYR C 38 -22.94 26.77 -12.23
N ASP C 39 -23.96 26.22 -12.88
CA ASP C 39 -25.34 26.62 -12.63
C ASP C 39 -25.69 26.51 -11.14
N GLY C 40 -25.35 25.38 -10.52
CA GLY C 40 -25.71 25.16 -9.13
C GLY C 40 -25.11 26.20 -8.20
N MET C 41 -23.84 26.55 -8.43
CA MET C 41 -23.09 27.40 -7.52
C MET C 41 -23.34 28.88 -7.77
N LEU C 42 -23.78 29.21 -8.98
CA LEU C 42 -23.83 30.61 -9.43
C LEU C 42 -24.68 31.51 -8.54
N PRO C 43 -25.87 31.11 -8.09
CA PRO C 43 -26.66 32.04 -7.22
C PRO C 43 -25.88 32.47 -5.98
N TYR C 44 -25.10 31.56 -5.39
CA TYR C 44 -24.23 31.87 -4.26
C TYR C 44 -23.01 32.67 -4.67
N LEU C 45 -22.33 32.26 -5.75
CA LEU C 45 -21.16 33.02 -6.19
C LEU C 45 -21.53 34.47 -6.52
N ARG C 46 -22.58 34.65 -7.34
CA ARG C 46 -22.89 36.00 -7.79
C ARG C 46 -23.46 36.88 -6.67
N ALA C 47 -24.01 36.27 -5.61
CA ALA C 47 -24.45 37.06 -4.47
C ALA C 47 -23.26 37.70 -3.78
N ALA C 48 -22.10 37.04 -3.85
CA ALA C 48 -20.90 37.39 -3.12
C ALA C 48 -19.92 38.26 -3.88
N GLN C 49 -19.72 38.02 -5.17
CA GLN C 49 -18.77 38.80 -5.94
C GLN C 49 -19.24 38.80 -7.38
N ARG C 50 -18.82 39.82 -8.12
CA ARG C 50 -18.85 39.71 -9.58
C ARG C 50 -18.27 38.35 -9.97
N THR C 51 -19.02 37.62 -10.82
CA THR C 51 -18.72 36.24 -11.19
C THR C 51 -18.78 36.12 -12.71
N VAL C 52 -17.68 35.72 -13.30
CA VAL C 52 -17.53 35.55 -14.74
C VAL C 52 -17.34 34.07 -14.98
N ARG C 53 -18.36 33.42 -15.54
CA ARG C 53 -18.28 32.02 -15.98
C ARG C 53 -17.69 31.98 -17.38
N VAL C 54 -16.68 31.15 -17.58
CA VAL C 54 -15.88 31.14 -18.80
C VAL C 54 -15.90 29.74 -19.42
N CYS C 55 -16.23 29.69 -20.71
CA CYS C 55 -16.10 28.49 -21.52
C CYS C 55 -14.73 28.47 -22.20
N TRP C 56 -14.25 27.27 -22.49
CA TRP C 56 -13.04 27.16 -23.28
C TRP C 56 -13.39 27.45 -24.72
N ARG C 57 -12.37 27.74 -25.53
CA ARG C 57 -12.57 27.81 -26.98
C ARG C 57 -13.08 26.47 -27.44
N GLY C 58 -14.01 26.51 -28.38
CA GLY C 58 -14.61 25.32 -28.91
C GLY C 58 -15.76 24.76 -28.10
N HIS C 59 -16.03 25.32 -26.91
CA HIS C 59 -17.03 24.79 -26.01
C HIS C 59 -18.28 25.66 -25.88
N GLY C 60 -18.31 26.84 -26.48
CA GLY C 60 -19.49 27.67 -26.51
C GLY C 60 -20.57 27.15 -27.45
N PRO C 61 -21.56 27.99 -27.75
CA PRO C 61 -22.65 27.53 -28.65
C PRO C 61 -22.14 27.09 -30.02
N ASP C 62 -21.07 27.72 -30.52
CA ASP C 62 -20.45 27.38 -31.81
C ASP C 62 -19.62 26.13 -31.62
N ARG C 63 -20.10 25.01 -32.15
CA ARG C 63 -19.44 23.72 -32.01
C ARG C 63 -18.76 23.27 -33.28
N ASN C 64 -18.38 24.18 -34.18
CA ASN C 64 -17.44 23.79 -35.23
C ASN C 64 -16.14 23.34 -34.57
N LEU C 65 -15.42 22.52 -35.29
CA LEU C 65 -14.11 22.07 -34.82
C LEU C 65 -13.07 23.18 -34.99
N VAL C 66 -12.37 23.48 -33.91
CA VAL C 66 -11.43 24.58 -33.87
C VAL C 66 -10.02 24.05 -34.11
N GLY C 67 -9.09 24.96 -34.31
CA GLY C 67 -7.70 24.57 -34.31
C GLY C 67 -7.30 23.94 -32.99
N ASP C 68 -6.31 23.04 -33.08
CA ASP C 68 -5.84 22.27 -31.93
C ASP C 68 -5.25 23.26 -30.93
N PHE C 69 -5.46 22.98 -29.66
CA PHE C 69 -5.13 23.90 -28.58
C PHE C 69 -4.96 23.05 -27.32
N GLY C 70 -4.28 23.63 -26.34
CA GLY C 70 -4.14 23.02 -25.03
C GLY C 70 -4.12 24.07 -23.94
N ILE C 71 -3.41 23.75 -22.85
CA ILE C 71 -3.50 24.53 -21.62
C ILE C 71 -3.04 25.97 -21.82
N ASP C 72 -1.97 26.18 -22.59
CA ASP C 72 -1.50 27.52 -22.87
C ASP C 72 -2.61 28.40 -23.45
N GLU C 73 -3.42 27.84 -24.36
CA GLU C 73 -4.48 28.60 -25.02
C GLU C 73 -5.61 28.86 -24.05
N MET C 74 -6.00 27.84 -23.29
CA MET C 74 -7.03 28.02 -22.28
C MET C 74 -6.67 29.18 -21.35
N ALA C 75 -5.40 29.28 -20.99
CA ALA C 75 -4.94 30.37 -20.14
C ALA C 75 -5.02 31.70 -20.86
N ALA C 76 -4.39 31.77 -22.03
CA ALA C 76 -4.30 33.03 -22.75
C ALA C 76 -5.68 33.56 -23.10
N ASP C 77 -6.61 32.66 -23.44
CA ASP C 77 -7.97 33.07 -23.78
C ASP C 77 -8.68 33.67 -22.57
N THR C 78 -8.60 32.97 -21.44
CA THR C 78 -9.30 33.40 -20.23
C THR C 78 -8.76 34.72 -19.73
N ILE C 79 -7.42 34.88 -19.79
CA ILE C 79 -6.80 36.12 -19.37
C ILE C 79 -7.23 37.25 -20.28
N GLY C 80 -7.22 37.01 -21.59
CA GLY C 80 -7.58 38.03 -22.54
C GLY C 80 -9.03 38.46 -22.38
N LEU C 81 -9.91 37.51 -22.08
CA LEU C 81 -11.30 37.85 -21.77
C LEU C 81 -11.35 38.75 -20.54
N LEU C 82 -10.65 38.38 -19.48
CA LEU C 82 -10.76 39.15 -18.24
C LEU C 82 -10.22 40.56 -18.43
N ASP C 83 -9.14 40.70 -19.22
CA ASP C 83 -8.60 42.03 -19.53
C ASP C 83 -9.59 42.85 -20.36
N ALA C 84 -10.28 42.22 -21.33
CA ALA C 84 -11.27 42.93 -22.14
C ALA C 84 -12.45 43.40 -21.29
N LEU C 85 -12.83 42.62 -20.26
CA LEU C 85 -13.92 42.95 -19.35
C LEU C 85 -13.47 43.77 -18.15
N GLU C 86 -12.25 44.31 -18.18
CA GLU C 86 -11.63 45.10 -17.09
C GLU C 86 -11.88 44.47 -15.71
N VAL C 87 -11.68 43.16 -15.64
CA VAL C 87 -11.54 42.46 -14.37
C VAL C 87 -10.11 42.62 -13.86
N ASP C 88 -9.95 43.16 -12.66
CA ASP C 88 -8.61 43.29 -12.07
C ASP C 88 -8.22 41.98 -11.38
N SER C 89 -8.17 41.96 -10.05
CA SER C 89 -7.86 40.73 -9.32
C SER C 89 -9.06 39.77 -9.34
N PHE C 90 -8.75 38.48 -9.33
CA PHE C 90 -9.79 37.48 -9.45
C PHE C 90 -9.32 36.16 -8.88
N VAL C 91 -10.31 35.31 -8.61
CA VAL C 91 -10.10 33.99 -8.02
C VAL C 91 -10.67 32.95 -8.98
N PRO C 92 -9.84 32.15 -9.65
CA PRO C 92 -10.39 31.02 -10.43
C PRO C 92 -11.00 29.94 -9.55
N ILE C 93 -12.14 29.40 -10.00
CA ILE C 93 -12.71 28.15 -9.54
C ILE C 93 -12.70 27.20 -10.75
N ALA C 94 -11.86 26.17 -10.68
CA ALA C 94 -11.62 25.28 -11.80
C ALA C 94 -12.02 23.84 -11.49
N HIS C 95 -12.65 23.19 -12.46
CA HIS C 95 -13.10 21.82 -12.29
C HIS C 95 -12.14 20.82 -12.93
N SER C 96 -11.74 19.81 -12.17
CA SER C 96 -10.84 18.75 -12.63
C SER C 96 -9.69 19.34 -13.43
N HIS C 97 -9.47 18.84 -14.65
CA HIS C 97 -8.31 19.29 -15.41
C HIS C 97 -8.38 20.72 -15.89
N GLY C 98 -9.51 21.43 -15.70
CA GLY C 98 -9.45 22.87 -15.86
C GLY C 98 -8.45 23.50 -14.90
N GLY C 99 -8.16 22.80 -13.80
CA GLY C 99 -7.21 23.28 -12.81
C GLY C 99 -5.83 23.54 -13.37
N TRP C 100 -5.45 22.82 -14.44
CA TRP C 100 -4.13 23.06 -15.01
C TRP C 100 -4.06 24.44 -15.61
N ALA C 101 -5.16 24.88 -16.27
CA ALA C 101 -5.20 26.23 -16.82
C ALA C 101 -5.29 27.29 -15.73
N ALA C 102 -6.11 27.04 -14.70
CA ALA C 102 -6.16 27.93 -13.54
C ALA C 102 -4.77 28.20 -12.97
N LEU C 103 -3.95 27.14 -12.85
CA LEU C 103 -2.60 27.29 -12.32
C LEU C 103 -1.69 28.03 -13.32
N GLU C 104 -1.81 27.72 -14.61
CA GLU C 104 -1.03 28.46 -15.61
C GLU C 104 -1.39 29.95 -15.53
N ILE C 105 -2.68 30.26 -15.40
CA ILE C 105 -3.13 31.64 -15.29
C ILE C 105 -2.54 32.29 -14.04
N ALA C 106 -2.66 31.60 -12.89
CA ALA C 106 -2.06 32.11 -11.66
C ALA C 106 -0.59 32.41 -11.85
N ASP C 107 0.13 31.51 -12.53
CA ASP C 107 1.57 31.64 -12.72
C ASP C 107 1.91 32.85 -13.56
N ARG C 108 1.11 33.12 -14.60
CA ARG C 108 1.41 34.22 -15.51
C ARG C 108 1.17 35.57 -14.87
N LEU C 109 0.16 35.67 -14.02
CA LEU C 109 -0.29 36.99 -13.58
C LEU C 109 0.19 37.37 -12.19
N GLY C 110 0.62 36.41 -11.40
CA GLY C 110 1.17 36.66 -10.09
C GLY C 110 0.07 36.75 -9.05
N ALA C 111 0.50 36.90 -7.78
CA ALA C 111 -0.39 36.64 -6.66
C ALA C 111 -1.24 37.84 -6.31
N GLN C 112 -0.90 39.04 -6.83
CA GLN C 112 -1.73 40.22 -6.57
C GLN C 112 -2.93 40.28 -7.52
N ARG C 113 -2.71 39.95 -8.79
CA ARG C 113 -3.82 39.82 -9.72
C ARG C 113 -4.62 38.54 -9.44
N VAL C 114 -3.95 37.46 -9.06
CA VAL C 114 -4.63 36.21 -8.72
C VAL C 114 -4.23 35.76 -7.33
N PRO C 115 -4.94 36.21 -6.30
CA PRO C 115 -4.52 35.89 -4.93
C PRO C 115 -4.94 34.51 -4.47
N ALA C 116 -5.85 33.84 -5.17
CA ALA C 116 -6.23 32.50 -4.78
C ALA C 116 -6.75 31.74 -6.00
N VAL C 117 -6.68 30.41 -5.90
CA VAL C 117 -7.23 29.47 -6.85
C VAL C 117 -7.88 28.34 -6.07
N MET C 118 -9.11 27.97 -6.41
CA MET C 118 -9.73 26.74 -5.91
C MET C 118 -9.86 25.70 -7.04
N ILE C 119 -9.54 24.44 -6.72
CA ILE C 119 -9.59 23.34 -7.69
C ILE C 119 -10.57 22.31 -7.18
N LEU C 120 -11.35 21.72 -8.09
CA LEU C 120 -12.38 20.76 -7.74
C LEU C 120 -12.07 19.40 -8.36
N ASP C 121 -11.79 18.42 -7.50
CA ASP C 121 -11.59 17.04 -7.90
C ASP C 121 -10.65 16.92 -9.10
N LEU C 122 -9.39 17.22 -8.84
CA LEU C 122 -8.30 17.03 -9.80
C LEU C 122 -7.32 16.01 -9.24
N ILE C 123 -6.99 14.98 -10.03
CA ILE C 123 -6.09 13.91 -9.60
C ILE C 123 -4.73 14.48 -9.23
N MET C 124 -4.37 14.41 -7.95
CA MET C 124 -3.15 15.08 -7.49
C MET C 124 -1.92 14.18 -7.50
N THR C 125 -2.10 12.86 -7.55
CA THR C 125 -1.00 11.92 -7.73
C THR C 125 -0.54 11.93 -9.18
N PRO C 126 0.64 11.33 -9.49
CA PRO C 126 0.97 11.08 -10.90
C PRO C 126 -0.20 10.34 -11.56
N ALA C 127 -0.34 10.39 -12.86
CA ALA C 127 -1.52 9.76 -13.45
C ALA C 127 -1.54 8.26 -13.19
N PRO C 128 -2.53 7.75 -12.52
CA PRO C 128 -2.66 6.30 -12.45
C PRO C 128 -2.58 5.70 -13.85
N ARG C 129 -2.21 4.42 -13.91
CA ARG C 129 -2.09 3.74 -15.18
C ARG C 129 -3.44 3.41 -15.81
N GLU C 130 -4.44 3.03 -15.04
CA GLU C 130 -5.79 2.89 -15.60
C GLU C 130 -6.18 4.18 -16.33
N PHE C 131 -5.98 5.31 -15.67
CA PHE C 131 -6.33 6.60 -16.22
C PHE C 131 -5.61 6.83 -17.54
N VAL C 132 -4.29 6.63 -17.56
CA VAL C 132 -3.55 6.91 -18.78
C VAL C 132 -4.06 6.02 -19.91
N ALA C 133 -4.40 4.75 -19.60
CA ALA C 133 -5.02 3.90 -20.60
C ALA C 133 -6.30 4.53 -21.16
N ALA C 134 -7.11 5.17 -20.29
CA ALA C 134 -8.34 5.84 -20.71
C ALA C 134 -8.07 7.10 -21.52
N LEU C 135 -6.98 7.81 -21.23
CA LEU C 135 -6.63 8.99 -22.01
C LEU C 135 -6.23 8.63 -23.43
N HIS C 136 -5.67 7.44 -23.61
CA HIS C 136 -5.36 6.95 -24.95
C HIS C 136 -6.59 6.40 -25.65
N GLY C 137 -7.46 5.69 -24.91
CA GLY C 137 -8.69 5.19 -25.50
C GLY C 137 -9.54 6.29 -26.13
N ILE C 138 -9.70 7.41 -25.44
CA ILE C 138 -10.54 8.47 -26.00
C ILE C 138 -9.88 9.13 -27.21
N GLN C 139 -8.64 8.76 -27.51
CA GLN C 139 -7.98 9.20 -28.75
C GLN C 139 -8.11 8.16 -29.86
N ASP C 140 -8.85 7.09 -29.60
CA ASP C 140 -9.09 6.05 -30.59
C ASP C 140 -10.37 6.37 -31.34
N PRO C 141 -10.29 6.68 -32.63
CA PRO C 141 -11.51 6.98 -33.41
C PRO C 141 -12.63 5.96 -33.23
N GLU C 142 -12.27 4.70 -32.94
CA GLU C 142 -13.22 3.59 -32.93
C GLU C 142 -13.80 3.31 -31.55
N ARG C 143 -13.14 3.68 -30.47
CA ARG C 143 -13.67 3.40 -29.14
C ARG C 143 -13.65 4.59 -28.19
N TRP C 144 -13.44 5.80 -28.69
CA TRP C 144 -13.49 6.98 -27.84
C TRP C 144 -14.78 7.03 -27.04
N LYS C 145 -15.89 6.57 -27.60
CA LYS C 145 -17.14 6.56 -26.84
C LYS C 145 -17.05 5.61 -25.65
N GLU C 146 -16.47 4.44 -25.84
CA GLU C 146 -16.27 3.53 -24.72
C GLU C 146 -15.48 4.23 -23.62
N GLY C 147 -14.30 4.77 -23.97
CA GLY C 147 -13.49 5.49 -22.99
C GLY C 147 -14.27 6.56 -22.26
N ARG C 148 -15.05 7.37 -23.00
CA ARG C 148 -15.82 8.42 -22.33
C ARG C 148 -16.76 7.80 -21.30
N ASP C 149 -17.57 6.82 -21.73
CA ASP C 149 -18.58 6.24 -20.84
C ASP C 149 -17.92 5.63 -19.62
N GLY C 150 -16.74 5.01 -19.79
CA GLY C 150 -16.04 4.45 -18.63
C GLY C 150 -15.55 5.52 -17.68
N LEU C 151 -15.02 6.62 -18.21
CA LEU C 151 -14.61 7.73 -17.36
C LEU C 151 -15.81 8.34 -16.65
N VAL C 152 -16.93 8.54 -17.35
CA VAL C 152 -18.11 9.13 -16.75
C VAL C 152 -18.65 8.22 -15.64
N GLN C 153 -18.70 6.91 -15.91
CA GLN C 153 -19.15 5.96 -14.88
C GLN C 153 -18.32 6.14 -13.62
N SER C 154 -16.99 6.25 -13.78
CA SER C 154 -16.11 6.49 -12.65
C SER C 154 -16.51 7.75 -11.89
N TRP C 155 -16.70 8.85 -12.60
CA TRP C 155 -17.05 10.11 -11.92
C TRP C 155 -18.39 10.01 -11.21
N LEU C 156 -19.35 9.31 -11.83
CA LEU C 156 -20.67 9.19 -11.22
C LEU C 156 -20.67 8.27 -10.00
N ALA C 157 -19.79 7.25 -9.96
CA ALA C 157 -19.87 6.21 -8.94
C ALA C 157 -21.32 5.72 -9.02
N GLY C 158 -22.04 5.59 -7.92
CA GLY C 158 -23.43 5.20 -8.09
C GLY C 158 -24.46 6.26 -7.76
N THR C 159 -24.08 7.53 -7.92
CA THR C 159 -24.89 8.63 -7.39
C THR C 159 -26.32 8.61 -7.93
N THR C 160 -27.23 9.10 -7.08
CA THR C 160 -28.62 9.38 -7.45
C THR C 160 -28.87 10.89 -7.56
N ASN C 161 -27.82 11.69 -7.40
CA ASN C 161 -27.93 13.15 -7.44
C ASN C 161 -28.41 13.59 -8.83
N GLN C 162 -29.63 14.17 -8.88
CA GLN C 162 -30.25 14.51 -10.15
C GLN C 162 -29.49 15.63 -10.87
N ALA C 163 -28.93 16.58 -10.11
CA ALA C 163 -28.13 17.63 -10.74
C ALA C 163 -26.93 17.06 -11.48
N VAL C 164 -26.21 16.10 -10.87
CA VAL C 164 -25.04 15.50 -11.51
C VAL C 164 -25.47 14.61 -12.66
N LEU C 165 -26.55 13.86 -12.47
CA LEU C 165 -27.00 12.93 -13.51
C LEU C 165 -27.48 13.69 -14.73
N ASP C 166 -28.30 14.74 -14.52
CA ASP C 166 -28.80 15.54 -15.62
C ASP C 166 -27.64 16.22 -16.36
N HIS C 167 -26.67 16.71 -15.62
CA HIS C 167 -25.58 17.45 -16.24
C HIS C 167 -24.80 16.59 -17.22
N VAL C 168 -24.59 15.32 -16.87
CA VAL C 168 -23.82 14.40 -17.71
C VAL C 168 -24.69 13.84 -18.84
N ARG C 169 -25.95 13.53 -18.55
CA ARG C 169 -26.81 12.89 -19.53
C ARG C 169 -27.39 13.88 -20.54
N TYR C 170 -27.70 15.08 -20.10
CA TYR C 170 -28.49 16.00 -20.93
C TYR C 170 -27.82 17.33 -21.21
N ASP C 171 -26.89 17.80 -20.38
CA ASP C 171 -26.44 19.18 -20.47
C ASP C 171 -25.02 19.30 -21.01
N SER C 172 -24.46 18.23 -21.57
CA SER C 172 -23.12 18.28 -22.15
C SER C 172 -23.12 17.63 -23.52
N GLY C 173 -24.18 17.86 -24.30
CA GLY C 173 -24.27 17.33 -25.64
C GLY C 173 -23.36 18.06 -26.61
N GLY C 174 -23.33 17.54 -27.84
CA GLY C 174 -22.67 18.29 -28.91
C GLY C 174 -21.14 18.26 -28.97
N HIS C 175 -20.49 17.34 -28.25
CA HIS C 175 -19.07 17.09 -28.42
C HIS C 175 -18.90 15.66 -28.95
N GLY C 176 -17.75 15.41 -29.56
CA GLY C 176 -17.44 14.07 -30.06
C GLY C 176 -15.97 13.77 -30.01
N PHE C 177 -15.51 13.01 -31.02
CA PHE C 177 -14.14 12.52 -31.04
C PHE C 177 -13.13 13.65 -31.05
N ASP C 178 -13.43 14.74 -31.75
CA ASP C 178 -12.40 15.76 -31.86
C ASP C 178 -12.00 16.29 -30.48
N MET C 179 -13.00 16.62 -29.66
CA MET C 179 -12.69 17.23 -28.38
C MET C 179 -12.28 16.19 -27.34
N TRP C 180 -12.87 15.00 -27.33
CA TRP C 180 -12.44 13.99 -26.37
C TRP C 180 -11.00 13.56 -26.61
N ALA C 181 -10.64 13.31 -27.87
CA ALA C 181 -9.24 13.04 -28.17
C ALA C 181 -8.35 14.20 -27.75
N ARG C 182 -8.81 15.44 -27.97
CA ARG C 182 -7.95 16.56 -27.59
C ARG C 182 -7.74 16.61 -26.08
N ALA C 183 -8.83 16.41 -25.31
CA ALA C 183 -8.69 16.25 -23.86
C ALA C 183 -7.67 15.17 -23.53
N GLY C 184 -7.75 14.03 -24.21
CA GLY C 184 -6.84 12.95 -23.93
C GLY C 184 -5.39 13.35 -24.15
N ARG C 185 -5.10 13.92 -25.31
CA ARG C 185 -3.75 14.42 -25.56
C ARG C 185 -3.27 15.41 -24.51
N VAL C 186 -4.11 16.38 -24.13
CA VAL C 186 -3.61 17.49 -23.30
C VAL C 186 -3.46 17.05 -21.85
N ILE C 187 -4.38 16.23 -21.35
CA ILE C 187 -4.24 15.72 -19.99
C ILE C 187 -3.06 14.75 -19.90
N ASP C 188 -2.94 13.83 -20.87
CA ASP C 188 -1.77 12.94 -20.91
C ASP C 188 -0.48 13.73 -20.89
N GLU C 189 -0.36 14.69 -21.81
CA GLU C 189 0.87 15.48 -21.86
C GLU C 189 1.13 16.27 -20.57
N ALA C 190 0.08 16.71 -19.87
CA ALA C 190 0.31 17.51 -18.66
C ALA C 190 0.93 16.67 -17.55
N TYR C 191 0.51 15.40 -17.42
CA TYR C 191 1.11 14.56 -16.39
C TYR C 191 2.51 14.12 -16.78
N ARG C 192 2.72 13.76 -18.05
CA ARG C 192 4.09 13.44 -18.48
C ARG C 192 5.06 14.61 -18.31
N THR C 193 4.59 15.85 -18.50
CA THR C 193 5.49 17.01 -18.43
C THR C 193 5.83 17.43 -17.00
N TRP C 194 4.82 17.46 -16.12
CA TRP C 194 4.94 17.98 -14.77
C TRP C 194 4.97 16.90 -13.70
N GLY C 195 4.60 15.68 -14.04
CA GLY C 195 4.50 14.63 -13.07
C GLY C 195 3.14 14.67 -12.44
N SER C 196 2.82 15.76 -11.74
CA SER C 196 1.51 15.90 -11.11
C SER C 196 1.20 17.38 -10.94
N PRO C 197 -0.06 17.71 -10.63
CA PRO C 197 -0.41 19.11 -10.33
C PRO C 197 0.30 19.64 -9.10
N MET C 198 0.56 18.79 -8.09
CA MET C 198 1.33 19.23 -6.92
C MET C 198 2.75 19.63 -7.33
N ARG C 199 3.40 18.85 -8.19
CA ARG C 199 4.66 19.30 -8.77
C ARG C 199 4.46 20.58 -9.56
N ARG C 200 3.35 20.68 -10.33
CA ARG C 200 3.05 21.90 -11.06
C ARG C 200 2.98 23.09 -10.11
N MET C 201 2.27 22.92 -8.98
CA MET C 201 2.16 23.99 -8.00
C MET C 201 3.55 24.38 -7.46
N GLU C 202 4.38 23.40 -7.14
CA GLU C 202 5.68 23.74 -6.54
C GLU C 202 6.51 24.57 -7.49
N ALA C 203 6.27 24.47 -8.79
CA ALA C 203 7.01 25.24 -9.78
C ALA C 203 6.46 26.64 -9.96
N LEU C 204 5.38 27.01 -9.26
CA LEU C 204 4.89 28.37 -9.32
C LEU C 204 5.94 29.33 -8.74
N ALA C 205 6.26 30.37 -9.50
CA ALA C 205 7.23 31.37 -9.07
C ALA C 205 6.87 32.00 -7.72
N GLU C 206 5.64 32.49 -7.57
CA GLU C 206 5.18 32.96 -6.26
C GLU C 206 3.78 32.39 -5.94
N PRO C 207 3.70 31.30 -5.18
CA PRO C 207 2.39 30.66 -4.99
C PRO C 207 1.38 31.57 -4.30
N CYS C 208 0.21 31.67 -4.89
CA CYS C 208 -0.96 32.24 -4.25
C CYS C 208 -1.61 31.17 -3.37
N ALA C 209 -2.72 31.51 -2.74
CA ALA C 209 -3.43 30.59 -1.87
C ALA C 209 -4.19 29.61 -2.76
N ILE C 210 -3.85 28.33 -2.64
CA ILE C 210 -4.44 27.28 -3.46
C ILE C 210 -5.20 26.32 -2.55
N ARG C 211 -6.41 25.98 -2.95
CA ARG C 211 -7.24 25.06 -2.18
C ARG C 211 -7.79 24.01 -3.12
N HIS C 212 -7.66 22.75 -2.73
CA HIS C 212 -8.22 21.65 -3.47
C HIS C 212 -9.34 21.02 -2.66
N VAL C 213 -10.54 21.07 -3.20
CA VAL C 213 -11.71 20.42 -2.64
C VAL C 213 -12.09 19.26 -3.54
N PHE C 214 -12.38 18.11 -2.94
CA PHE C 214 -12.61 16.91 -3.71
C PHE C 214 -13.38 15.93 -2.88
N SER C 215 -14.03 15.00 -3.57
CA SER C 215 -14.73 13.90 -2.96
C SER C 215 -14.20 12.55 -3.35
N HIS C 216 -13.39 12.46 -4.41
CA HIS C 216 -13.58 11.16 -5.02
C HIS C 216 -12.58 10.05 -4.71
N PRO C 217 -11.29 10.24 -5.04
CA PRO C 217 -10.31 9.20 -4.67
C PRO C 217 -10.76 8.80 -3.28
N LYS C 218 -11.05 7.53 -3.01
CA LYS C 218 -11.57 7.17 -1.70
C LYS C 218 -10.58 7.64 -0.63
N ILE C 219 -11.11 7.88 0.57
CA ILE C 219 -10.29 8.29 1.70
C ILE C 219 -9.09 7.36 1.82
N GLY C 220 -7.97 7.85 2.33
CA GLY C 220 -6.80 7.02 2.50
C GLY C 220 -5.52 7.83 2.30
N GLU C 221 -4.54 7.17 1.68
CA GLU C 221 -3.23 7.76 1.46
C GLU C 221 -3.28 8.96 0.52
N TYR C 222 -4.35 9.06 -0.29
CA TYR C 222 -4.60 10.27 -1.03
C TYR C 222 -4.64 11.47 -0.08
N ASP C 223 -5.28 11.31 1.07
CA ASP C 223 -5.40 12.40 2.01
C ASP C 223 -4.07 12.70 2.68
N ALA C 224 -3.30 11.66 3.03
CA ALA C 224 -2.01 11.90 3.66
C ALA C 224 -1.10 12.64 2.70
N LEU C 225 -1.21 12.33 1.40
CA LEU C 225 -0.49 13.10 0.39
C LEU C 225 -0.81 14.58 0.51
N HIS C 226 -2.10 14.90 0.70
CA HIS C 226 -2.48 16.30 0.87
C HIS C 226 -1.94 16.91 2.16
N ASP C 227 -2.11 16.21 3.29
CA ASP C 227 -1.56 16.67 4.58
C ASP C 227 -0.08 16.99 4.46
N ASP C 228 0.68 16.12 3.81
CA ASP C 228 2.10 16.33 3.63
C ASP C 228 2.37 17.54 2.76
N PHE C 229 1.56 17.75 1.71
CA PHE C 229 1.74 18.92 0.84
C PHE C 229 1.40 20.21 1.59
N ALA C 230 0.31 20.19 2.36
CA ALA C 230 -0.01 21.36 3.18
C ALA C 230 1.09 21.63 4.20
N ALA C 231 1.69 20.56 4.74
CA ALA C 231 2.71 20.73 5.78
C ALA C 231 3.95 21.45 5.24
N ARG C 232 4.31 21.20 3.99
CA ARG C 232 5.44 21.86 3.34
C ARG C 232 5.11 23.24 2.77
N HIS C 233 3.85 23.51 2.47
CA HIS C 233 3.47 24.69 1.70
C HIS C 233 2.39 25.44 2.45
N PRO C 234 2.74 26.50 3.18
CA PRO C 234 1.71 27.22 3.95
C PRO C 234 0.60 27.75 3.07
N TRP C 235 0.85 27.94 1.77
CA TRP C 235 -0.18 28.50 0.92
C TRP C 235 -1.21 27.48 0.47
N PHE C 236 -1.02 26.20 0.79
CA PHE C 236 -1.91 25.14 0.33
C PHE C 236 -2.86 24.70 1.43
N SER C 237 -4.13 24.48 1.04
CA SER C 237 -5.14 23.88 1.90
C SER C 237 -6.00 22.91 1.08
N TYR C 238 -6.96 22.28 1.74
CA TYR C 238 -7.72 21.21 1.11
C TYR C 238 -8.80 20.78 2.07
N ARG C 239 -9.84 20.16 1.51
CA ARG C 239 -10.94 19.57 2.26
C ARG C 239 -11.48 18.44 1.39
N ARG C 240 -11.52 17.24 1.94
CA ARG C 240 -12.30 16.16 1.37
C ARG C 240 -13.74 16.43 1.77
N LEU C 241 -14.64 16.44 0.79
CA LEU C 241 -16.07 16.56 1.03
C LEU C 241 -16.63 15.15 1.07
N GLY C 242 -17.86 15.03 1.50
CA GLY C 242 -18.34 13.66 1.63
C GLY C 242 -19.10 13.11 0.44
N GLY C 243 -18.80 13.63 -0.75
CA GLY C 243 -19.67 13.42 -1.90
C GLY C 243 -19.59 12.02 -2.47
N GLU C 244 -20.55 11.71 -3.35
CA GLU C 244 -20.48 10.46 -4.07
C GLU C 244 -19.80 10.60 -5.42
N THR C 245 -19.67 11.82 -5.95
CA THR C 245 -19.25 12.00 -7.33
C THR C 245 -17.96 12.80 -7.37
N ALA C 246 -17.34 12.81 -8.55
CA ALA C 246 -16.21 13.69 -8.82
C ALA C 246 -16.66 15.03 -9.38
N PHE C 247 -17.92 15.39 -9.13
CA PHE C 247 -18.46 16.68 -9.54
C PHE C 247 -18.89 17.46 -8.30
N PRO C 248 -17.94 17.78 -7.41
CA PRO C 248 -18.33 18.43 -6.14
C PRO C 248 -19.13 19.70 -6.36
N GLY C 249 -18.77 20.50 -7.36
CA GLY C 249 -19.45 21.74 -7.64
C GLY C 249 -20.90 21.60 -8.04
N ILE C 250 -21.28 20.45 -8.57
CA ILE C 250 -22.66 20.21 -9.00
C ILE C 250 -23.42 19.40 -7.97
N GLU C 251 -22.72 18.45 -7.31
CA GLU C 251 -23.32 17.69 -6.22
C GLU C 251 -23.51 18.57 -4.98
N LEU C 252 -22.49 19.39 -4.64
CA LEU C 252 -22.49 20.17 -3.39
C LEU C 252 -22.29 21.67 -3.62
N PRO C 253 -23.09 22.26 -4.50
CA PRO C 253 -22.83 23.67 -4.88
C PRO C 253 -22.73 24.64 -3.71
N GLN C 254 -23.63 24.53 -2.73
CA GLN C 254 -23.61 25.46 -1.60
C GLN C 254 -22.32 25.31 -0.81
N GLN C 255 -21.92 24.07 -0.51
CA GLN C 255 -20.71 23.87 0.27
C GLN C 255 -19.49 24.37 -0.47
N VAL C 256 -19.40 24.05 -1.76
CA VAL C 256 -18.24 24.45 -2.56
C VAL C 256 -18.24 25.94 -2.72
N ALA C 257 -19.42 26.53 -2.96
CA ALA C 257 -19.50 27.99 -3.00
C ALA C 257 -18.97 28.60 -1.71
N ALA C 258 -19.37 28.04 -0.55
CA ALA C 258 -18.91 28.58 0.71
C ALA C 258 -17.40 28.51 0.85
N GLU C 259 -16.79 27.42 0.35
CA GLU C 259 -15.35 27.27 0.42
C GLU C 259 -14.66 28.36 -0.39
N ALA C 260 -15.11 28.59 -1.63
CA ALA C 260 -14.58 29.68 -2.44
C ALA C 260 -14.68 31.02 -1.71
N ILE C 261 -15.82 31.30 -1.11
CA ILE C 261 -16.02 32.59 -0.43
C ILE C 261 -15.07 32.69 0.74
N ASP C 262 -14.89 31.59 1.47
CA ASP C 262 -13.92 31.52 2.58
C ASP C 262 -12.52 31.73 2.08
N LEU C 263 -12.15 31.02 1.02
CA LEU C 263 -10.80 31.15 0.46
C LEU C 263 -10.49 32.58 0.10
N LEU C 264 -11.45 33.24 -0.54
CA LEU C 264 -11.28 34.61 -0.97
C LEU C 264 -11.18 35.54 0.24
N ALA C 265 -12.02 35.34 1.26
CA ALA C 265 -11.91 36.11 2.49
C ALA C 265 -10.50 36.06 3.02
N GLY C 266 -9.88 34.89 2.98
CA GLY C 266 -8.57 34.73 3.58
C GLY C 266 -7.45 35.46 2.87
N ALA C 267 -7.59 35.64 1.55
CA ALA C 267 -6.46 36.13 0.75
C ALA C 267 -6.60 37.50 0.09
C10 JWW D . 7.96 -15.26 28.60
C13 JWW D . 9.09 -11.62 30.18
C15 JWW D . 10.33 -9.70 31.19
C17 JWW D . 12.69 -9.87 31.81
C01 JWW D . 8.38 -17.58 31.57
C02 JWW D . 8.36 -17.47 32.96
C03 JWW D . 8.16 -16.24 33.57
C04 JWW D . 7.98 -15.13 32.78
C05 JWW D . 7.99 -15.27 31.43
C06 JWW D . 8.18 -16.45 30.78
C07 JWW D . 8.19 -16.49 29.33
C09 JWW D . 7.81 -14.07 29.29
C11 JWW D . 7.56 -12.73 28.59
C12 JWW D . 7.69 -11.57 29.58
C14 JWW D . 9.83 -10.31 29.87
C16 JWW D . 11.70 -9.09 30.95
N08 JWW D . 7.81 -14.11 30.69
O18 JWW D . 7.99 -15.26 27.19
O19 JWW D . 8.39 -17.70 28.59
H131 JWW D . 9.03 -11.73 31.15
H132 JWW D . 9.58 -12.36 29.80
H151 JWW D . 9.71 -9.00 31.48
H152 JWW D . 10.39 -10.38 31.87
H171 JWW D . 13.55 -9.90 31.37
H172 JWW D . 12.35 -10.77 31.94
H173 JWW D . 12.77 -9.44 32.67
H011 JWW D . 8.52 -18.40 31.17
H021 JWW D . 8.49 -18.22 33.48
H031 JWW D . 8.15 -16.17 34.50
H041 JWW D . 7.85 -14.29 33.17
H111 JWW D . 8.21 -12.62 27.88
H112 JWW D . 6.66 -12.73 28.22
H121 JWW D . 7.56 -10.73 29.13
H122 JWW D . 7.04 -11.68 30.29
H142 JWW D . 10.59 -10.49 29.29
H141 JWW D . 9.23 -9.70 29.42
H161 JWW D . 11.94 -9.18 30.01
H162 JWW D . 11.70 -8.15 31.19
H181 JWW D . 8.57 -14.70 26.92
C10 JWW E . 5.42 -18.19 -8.41
C13 JWW E . 6.51 -20.41 -11.47
C15 JWW E . 6.89 -22.25 -13.18
C17 JWW E . 5.39 -24.31 -13.27
C01 JWW E . 5.91 -20.52 -5.47
C02 JWW E . 6.75 -21.57 -5.08
C03 JWW E . 7.75 -22.00 -5.93
C04 JWW E . 7.89 -21.37 -7.16
C05 JWW E . 7.06 -20.34 -7.51
C06 JWW E . 6.06 -19.89 -6.69
C07 JWW E . 5.21 -18.81 -7.13
C09 JWW E . 6.47 -18.66 -9.21
C11 JWW E . 6.75 -18.06 -10.60
C12 JWW E . 7.35 -19.14 -11.50
C14 JWW E . 6.23 -20.89 -12.90
C16 JWW E . 5.90 -23.08 -14.03
N08 JWW E . 7.26 -19.72 -8.75
O18 JWW E . 4.60 -17.16 -8.83
O19 JWW E . 4.15 -18.32 -6.34
H131 JWW E . 7.00 -21.11 -10.99
H132 JWW E . 5.68 -20.23 -11.02
H151 JWW E . 7.73 -22.13 -13.66
H152 JWW E . 7.07 -22.72 -12.34
H171 JWW E . 4.49 -24.51 -13.55
H172 JWW E . 5.40 -24.12 -12.31
H173 JWW E . 5.98 -25.07 -13.45
H011 JWW E . 5.23 -20.24 -4.89
H021 JWW E . 6.64 -21.98 -4.26
H031 JWW E . 8.30 -22.69 -5.69
H041 JWW E . 8.57 -21.65 -7.75
H111 JWW E . 5.92 -17.73 -10.99
H112 JWW E . 7.38 -17.32 -10.51
H121 JWW E . 7.41 -18.80 -12.40
H122 JWW E . 8.26 -19.35 -11.18
H142 JWW E . 5.27 -20.97 -13.02
H141 JWW E . 6.58 -20.24 -13.53
H161 JWW E . 5.14 -22.52 -14.27
H162 JWW E . 6.35 -23.38 -14.83
H181 JWW E . 4.68 -17.06 -9.67
C10 JWW F . -12.19 15.02 -15.82
C13 JWW F . -15.59 16.37 -17.81
C15 JWW F . -17.75 16.37 -19.01
C17 JWW F . -19.32 14.59 -19.65
C01 JWW F . -10.42 12.98 -18.50
C02 JWW F . -10.38 12.97 -19.90
C03 JWW F . -11.13 13.87 -20.66
C04 JWW F . -11.92 14.81 -20.00
C05 JWW F . -11.96 14.80 -18.63
C06 JWW F . -11.23 13.91 -17.85
C07 JWW F . -11.33 14.01 -16.39
C09 JWW F . -12.89 15.90 -16.66
C11 JWW F . -13.84 16.98 -16.11
C12 JWW F . -14.78 17.52 -17.19
C14 JWW F . -17.09 16.57 -17.64
C16 JWW F . -19.16 15.84 -18.80
N08 JWW F . -12.76 15.78 -18.06
O18 JWW F . -12.31 15.12 -14.43
O19 JWW F . -10.62 13.13 -15.50
H131 JWW F . -15.39 16.30 -18.76
H132 JWW F . -15.34 15.53 -17.37
H151 JWW F . -17.79 17.23 -19.47
H152 JWW F . -17.24 15.75 -19.52
H171 JWW F . -19.94 13.98 -19.22
H172 JWW F . -18.46 14.16 -19.76
H173 JWW F . -19.67 14.83 -20.53
H011 JWW F . -9.91 12.38 -18.01
H021 JWW F . -9.84 12.36 -20.33
H031 JWW F . -11.10 13.86 -21.58
H041 JWW F . -12.42 15.41 -20.48
H111 JWW F . -14.36 16.60 -15.39
H112 JWW F . -13.31 17.72 -15.76
H121 JWW F . -15.39 18.16 -16.80
H122 JWW F . -14.26 17.95 -17.89
H142 JWW F . -17.45 15.92 -17.00
H141 JWW F . -17.27 17.47 -17.31
H161 JWW F . -19.30 15.62 -17.86
H162 JWW F . -19.81 16.51 -19.06
H181 JWW F . -13.14 15.15 -14.22
#